data_3R6C
#
_entry.id   3R6C
#
_cell.length_a   93.982
_cell.length_b   77.930
_cell.length_c   99.803
_cell.angle_alpha   90.00
_cell.angle_beta   110.18
_cell.angle_gamma   90.00
#
_symmetry.space_group_name_H-M   'C 1 2 1'
#
loop_
_entity.id
_entity.type
_entity.pdbx_description
1 polymer 'Anthranilate phosphoribosyltransferase'
2 non-polymer 1-O-pyrophosphono-5-O-phosphono-alpha-D-ribofuranose
3 non-polymer 'MAGNESIUM ION'
4 non-polymer '8-methoxyphenanthro[3,4-d][1,3]dioxole-5,6-dicarboxylic acid'
5 non-polymer GLYCEROL
6 water water
#
_entity_poly.entity_id   1
_entity_poly.type   'polypeptide(L)'
_entity_poly.pdbx_seq_one_letter_code
;ALSAEGSSGGSRGGSPKAEAASVPSWPQILGRLTDNRDLARGQAAWAMDQIMTGNARPAQIAAFAVAMTMKAPTADEVGE
LAGVMLSHAHPLPADTVPDDAVDVVGTGGDGVNTVNLSTMAAIVVAAAGVPVVKHGNRAASSLSGGADTLEALGVRIDLG
PDLVARSLAEVGIGFCFAPRFHPSYRHAAAVRREIGVPTVFNLLGPLTNPARPRAGLIGCAFADLAEVMAGVFAARRSSV
LVVHGDDGLDELTTTTTSTIWRVAAGSVDKLTFDPAGFGFARAQLDQLAGGDAQANAAAVRAVLGGARGPVRDAVVLNAA
GAIVAHAGLSSRAEWLPAWEEGLRRASAAIDTGAAEQLLARWVRFGRQILEHHHHHH
;
_entity_poly.pdbx_strand_id   A,B
#
# COMPACT_ATOMS: atom_id res chain seq x y z
N PRO A 24 1.47 -0.22 -20.42
CA PRO A 24 1.55 -0.37 -18.96
C PRO A 24 0.65 0.64 -18.27
N SER A 25 0.13 0.30 -17.10
CA SER A 25 -0.79 1.17 -16.38
C SER A 25 -0.69 0.95 -14.88
N TRP A 26 -1.18 1.92 -14.11
CA TRP A 26 -1.21 1.79 -12.67
C TRP A 26 -2.05 0.60 -12.19
N PRO A 27 -3.28 0.42 -12.72
CA PRO A 27 -4.03 -0.76 -12.29
C PRO A 27 -3.32 -2.09 -12.58
N GLN A 28 -2.62 -2.16 -13.70
CA GLN A 28 -1.89 -3.38 -14.07
C GLN A 28 -0.73 -3.63 -13.11
N ILE A 29 0.03 -2.58 -12.83
CA ILE A 29 1.22 -2.75 -11.99
C ILE A 29 0.83 -2.99 -10.52
N LEU A 30 -0.07 -2.14 -10.01
CA LEU A 30 -0.53 -2.31 -8.63
C LEU A 30 -1.25 -3.63 -8.43
N GLY A 31 -2.04 -4.05 -9.43
CA GLY A 31 -2.72 -5.35 -9.37
C GLY A 31 -1.75 -6.50 -9.29
N ARG A 32 -0.68 -6.42 -10.07
CA ARG A 32 0.34 -7.45 -10.09
C ARG A 32 1.02 -7.51 -8.71
N LEU A 33 1.33 -6.35 -8.16
CA LEU A 33 1.97 -6.27 -6.84
C LEU A 33 1.05 -6.75 -5.72
N THR A 34 -0.20 -6.30 -5.73
CA THR A 34 -1.17 -6.74 -4.71
C THR A 34 -1.50 -8.23 -4.79
N ASP A 35 -1.33 -8.82 -5.99
CA ASP A 35 -1.44 -10.26 -6.16
C ASP A 35 -0.16 -10.98 -5.73
N ASN A 36 0.78 -10.25 -5.13
CA ASN A 36 2.05 -10.82 -4.69
C ASN A 36 2.95 -11.41 -5.76
N ARG A 37 2.99 -10.75 -6.91
CA ARG A 37 3.77 -11.22 -8.03
C ARG A 37 4.93 -10.27 -8.29
N ASP A 38 6.09 -10.83 -8.64
CA ASP A 38 7.18 -9.99 -9.14
C ASP A 38 6.71 -9.29 -10.41
N LEU A 39 7.17 -8.07 -10.62
CA LEU A 39 6.78 -7.33 -11.81
C LEU A 39 7.47 -7.89 -13.05
N ALA A 40 6.92 -7.59 -14.22
CA ALA A 40 7.57 -7.90 -15.49
C ALA A 40 8.72 -6.92 -15.67
N ARG A 41 9.75 -7.35 -16.41
CA ARG A 41 10.86 -6.44 -16.72
C ARG A 41 10.28 -5.16 -17.30
N GLY A 42 10.85 -4.03 -16.87
CA GLY A 42 10.40 -2.70 -17.32
C GLY A 42 9.27 -2.05 -16.52
N GLN A 43 8.49 -2.85 -15.81
CA GLN A 43 7.34 -2.29 -15.09
C GLN A 43 7.73 -1.36 -13.94
N ALA A 44 8.63 -1.82 -13.06
CA ALA A 44 9.15 -0.92 -12.01
C ALA A 44 9.71 0.36 -12.62
N ALA A 45 10.48 0.22 -13.71
CA ALA A 45 11.05 1.41 -14.38
C ALA A 45 9.96 2.36 -14.89
N TRP A 46 8.91 1.80 -15.51
CA TRP A 46 7.82 2.64 -16.04
C TRP A 46 7.20 3.43 -14.91
N ALA A 47 6.95 2.73 -13.79
CA ALA A 47 6.32 3.34 -12.63
C ALA A 47 7.19 4.46 -12.09
N MET A 48 8.48 4.20 -11.90
CA MET A 48 9.36 5.23 -11.32
C MET A 48 9.40 6.42 -12.28
N ASP A 49 9.41 6.14 -13.58
CA ASP A 49 9.44 7.22 -14.55
C ASP A 49 8.18 8.07 -14.51
N GLN A 50 7.02 7.44 -14.35
CA GLN A 50 5.77 8.18 -14.13
C GLN A 50 5.89 9.08 -12.91
N ILE A 51 6.48 8.54 -11.85
CA ILE A 51 6.61 9.26 -10.59
C ILE A 51 7.53 10.45 -10.76
N MET A 52 8.61 10.26 -11.51
CA MET A 52 9.65 11.28 -11.64
C MET A 52 9.26 12.37 -12.64
N THR A 53 8.28 12.09 -13.50
CA THR A 53 7.88 13.04 -14.51
C THR A 53 6.62 13.84 -14.12
N GLY A 54 6.21 13.70 -12.85
CA GLY A 54 5.04 14.41 -12.31
C GLY A 54 3.71 13.84 -12.81
N ASN A 55 3.75 12.65 -13.36
CA ASN A 55 2.56 12.04 -13.95
C ASN A 55 1.79 11.09 -13.02
N ALA A 56 2.28 10.92 -11.80
CA ALA A 56 1.64 9.99 -10.88
C ALA A 56 0.91 10.73 -9.76
N ARG A 57 -0.28 10.23 -9.43
CA ARG A 57 -1.03 10.76 -8.30
C ARG A 57 -0.34 10.33 -7.00
N PRO A 58 -0.36 11.18 -5.97
CA PRO A 58 0.19 10.76 -4.68
C PRO A 58 -0.32 9.41 -4.22
N ALA A 59 -1.63 9.18 -4.35
CA ALA A 59 -2.21 7.87 -4.06
C ALA A 59 -1.55 6.73 -4.83
N GLN A 60 -1.27 6.93 -6.12
CA GLN A 60 -0.58 5.89 -6.92
C GLN A 60 0.85 5.65 -6.46
N ILE A 61 1.56 6.73 -6.16
CA ILE A 61 2.94 6.63 -5.63
C ILE A 61 2.93 5.81 -4.34
N ALA A 62 2.02 6.16 -3.41
CA ALA A 62 1.95 5.49 -2.12
C ALA A 62 1.58 4.02 -2.26
N ALA A 63 0.56 3.75 -3.08
CA ALA A 63 0.15 2.38 -3.34
C ALA A 63 1.33 1.56 -3.85
N PHE A 64 2.09 2.16 -4.77
CA PHE A 64 3.20 1.48 -5.41
C PHE A 64 4.30 1.18 -4.39
N ALA A 65 4.70 2.21 -3.65
CA ALA A 65 5.76 2.06 -2.64
C ALA A 65 5.36 0.98 -1.63
N VAL A 66 4.14 1.08 -1.11
CA VAL A 66 3.66 0.09 -0.15
C VAL A 66 3.53 -1.30 -0.75
N ALA A 67 2.88 -1.40 -1.91
CA ALA A 67 2.69 -2.72 -2.53
C ALA A 67 3.99 -3.44 -2.89
N MET A 68 4.96 -2.70 -3.42
CA MET A 68 6.26 -3.29 -3.70
C MET A 68 6.92 -3.81 -2.43
N THR A 69 6.86 -3.04 -1.37
CA THR A 69 7.52 -3.40 -0.12
C THR A 69 6.93 -4.69 0.47
N MET A 70 5.61 -4.81 0.44
CA MET A 70 4.95 -5.97 1.06
C MET A 70 4.98 -7.22 0.21
N LYS A 71 5.10 -7.05 -1.10
CA LYS A 71 5.35 -8.16 -2.00
C LYS A 71 6.75 -8.80 -1.74
N ALA A 72 7.70 -7.97 -1.32
CA ALA A 72 9.13 -8.31 -1.21
C ALA A 72 9.81 -7.92 -2.51
N PRO A 73 10.44 -6.73 -2.52
CA PRO A 73 11.05 -6.24 -3.75
C PRO A 73 12.21 -7.13 -4.15
N THR A 74 12.43 -7.25 -5.46
CA THR A 74 13.56 -8.00 -5.98
C THR A 74 14.66 -7.00 -6.32
N ALA A 75 15.88 -7.50 -6.45
CA ALA A 75 17.01 -6.67 -6.87
C ALA A 75 16.75 -6.06 -8.24
N ASP A 76 16.15 -6.84 -9.14
CA ASP A 76 15.81 -6.34 -10.49
C ASP A 76 14.90 -5.13 -10.39
N GLU A 77 13.82 -5.26 -9.60
CA GLU A 77 12.86 -4.16 -9.41
C GLU A 77 13.48 -2.90 -8.81
N VAL A 78 14.17 -3.05 -7.69
CA VAL A 78 14.84 -1.92 -7.06
C VAL A 78 15.87 -1.30 -8.01
N GLY A 79 16.59 -2.16 -8.72
CA GLY A 79 17.55 -1.70 -9.73
C GLY A 79 16.90 -0.81 -10.77
N GLU A 80 15.70 -1.21 -11.23
CA GLU A 80 14.95 -0.41 -12.19
C GLU A 80 14.61 0.97 -11.62
N LEU A 81 14.15 0.99 -10.38
CA LEU A 81 13.83 2.24 -9.70
C LEU A 81 15.03 3.15 -9.64
N ALA A 82 16.16 2.61 -9.22
CA ALA A 82 17.38 3.41 -9.02
C ALA A 82 17.90 3.87 -10.38
N GLY A 83 17.80 2.98 -11.37
CA GLY A 83 18.20 3.28 -12.75
C GLY A 83 17.42 4.45 -13.33
N VAL A 84 16.10 4.45 -13.13
CA VAL A 84 15.30 5.59 -13.61
C VAL A 84 15.76 6.88 -12.96
N MET A 85 15.92 6.85 -11.64
CA MET A 85 16.35 8.04 -10.91
C MET A 85 17.68 8.54 -11.46
N LEU A 86 18.62 7.63 -11.67
CA LEU A 86 19.93 8.01 -12.19
C LEU A 86 19.83 8.57 -13.60
N SER A 87 18.92 8.01 -14.41
CA SER A 87 18.75 8.45 -15.79
C SER A 87 18.20 9.88 -15.84
N HIS A 88 17.50 10.30 -14.78
CA HIS A 88 16.99 11.66 -14.66
C HIS A 88 17.91 12.61 -13.89
N ALA A 89 18.88 12.07 -13.16
CA ALA A 89 19.68 12.91 -12.26
C ALA A 89 20.61 13.85 -13.02
N HIS A 90 20.99 14.95 -12.38
CA HIS A 90 22.08 15.79 -12.89
C HIS A 90 23.39 15.03 -12.76
N PRO A 91 24.07 14.77 -13.88
CA PRO A 91 25.35 14.06 -13.77
C PRO A 91 26.49 15.02 -13.42
N LEU A 92 27.60 14.48 -12.93
CA LEU A 92 28.81 15.29 -12.80
C LEU A 92 29.49 15.37 -14.17
N PRO A 93 30.32 16.41 -14.41
CA PRO A 93 30.97 16.58 -15.71
C PRO A 93 31.82 15.37 -16.11
N ALA A 94 31.97 15.16 -17.42
CA ALA A 94 32.77 14.04 -17.92
C ALA A 94 34.17 14.03 -17.33
N ASP A 95 34.64 12.83 -17.00
CA ASP A 95 35.98 12.59 -16.45
C ASP A 95 36.35 13.50 -15.26
N THR A 96 35.42 13.65 -14.31
CA THR A 96 35.70 14.40 -13.08
C THR A 96 35.61 13.55 -11.81
N VAL A 97 35.15 12.32 -11.96
CA VAL A 97 35.04 11.41 -10.82
C VAL A 97 36.04 10.29 -11.04
N PRO A 98 37.03 10.15 -10.13
CA PRO A 98 37.99 9.07 -10.38
C PRO A 98 37.32 7.70 -10.28
N ASP A 99 37.92 6.72 -10.95
CA ASP A 99 37.41 5.36 -11.02
C ASP A 99 37.25 4.69 -9.66
N ASP A 100 37.98 5.16 -8.66
CA ASP A 100 37.98 4.54 -7.35
C ASP A 100 37.30 5.39 -6.27
N ALA A 101 36.44 6.32 -6.68
CA ALA A 101 35.73 7.16 -5.71
C ALA A 101 34.84 6.28 -4.87
N VAL A 102 34.61 6.69 -3.62
CA VAL A 102 33.79 5.90 -2.68
C VAL A 102 32.72 6.78 -2.08
N ASP A 103 31.62 6.15 -1.69
CA ASP A 103 30.52 6.81 -1.01
C ASP A 103 30.44 6.19 0.38
N VAL A 104 29.91 6.95 1.34
CA VAL A 104 29.61 6.44 2.67
C VAL A 104 28.27 7.04 3.03
N VAL A 105 27.23 6.23 2.97
CA VAL A 105 25.86 6.75 3.08
C VAL A 105 24.92 5.61 3.47
N GLY A 106 23.88 5.94 4.22
CA GLY A 106 22.92 4.95 4.64
C GLY A 106 21.51 5.35 4.31
N THR A 107 20.59 4.41 4.52
CA THR A 107 19.18 4.67 4.36
C THR A 107 18.65 5.67 5.38
N GLY A 108 19.33 5.74 6.53
CA GLY A 108 18.71 6.34 7.70
C GLY A 108 17.57 5.44 8.18
N GLY A 109 16.72 5.98 9.04
CA GLY A 109 15.55 5.22 9.50
C GLY A 109 15.87 4.20 10.58
N ASP A 110 17.03 4.32 11.21
CA ASP A 110 17.34 3.38 12.28
C ASP A 110 16.63 3.69 13.61
N GLY A 111 16.05 4.88 13.73
CA GLY A 111 15.28 5.26 14.92
C GLY A 111 16.08 5.47 16.19
N VAL A 112 17.40 5.63 16.04
CA VAL A 112 18.33 5.70 17.17
C VAL A 112 18.85 7.12 17.46
N ASN A 113 18.81 8.00 16.47
CA ASN A 113 19.27 9.37 16.68
C ASN A 113 20.75 9.48 17.13
N THR A 114 21.64 8.85 16.37
CA THR A 114 23.07 8.85 16.67
C THR A 114 23.76 10.11 16.17
N VAL A 115 25.02 10.26 16.55
CA VAL A 115 25.91 11.20 15.91
C VAL A 115 26.05 10.74 14.44
N ASN A 116 26.44 11.67 13.56
CA ASN A 116 26.51 11.40 12.12
C ASN A 116 27.73 10.58 11.73
N LEU A 117 27.60 9.28 11.91
CA LEU A 117 28.71 8.35 11.71
C LEU A 117 29.21 8.26 10.28
N SER A 118 28.29 8.25 9.29
CA SER A 118 28.70 8.17 7.89
C SER A 118 29.45 9.43 7.46
N THR A 119 28.92 10.58 7.86
CA THR A 119 29.54 11.86 7.53
C THR A 119 30.94 11.99 8.12
N MET A 120 31.09 11.62 9.38
CA MET A 120 32.39 11.64 10.04
C MET A 120 33.36 10.63 9.41
N ALA A 121 32.87 9.43 9.14
CA ALA A 121 33.70 8.41 8.45
C ALA A 121 34.16 8.91 7.08
N ALA A 122 33.25 9.53 6.31
CA ALA A 122 33.57 10.04 4.98
C ALA A 122 34.69 11.08 5.00
N ILE A 123 34.66 11.98 5.98
CA ILE A 123 35.74 12.97 6.13
C ILE A 123 37.07 12.26 6.38
N VAL A 124 37.05 11.27 7.27
CA VAL A 124 38.24 10.52 7.62
C VAL A 124 38.79 9.74 6.40
N VAL A 125 37.88 9.09 5.67
CA VAL A 125 38.25 8.35 4.46
C VAL A 125 38.92 9.27 3.43
N ALA A 126 38.33 10.43 3.19
CA ALA A 126 38.88 11.39 2.24
C ALA A 126 40.25 11.85 2.70
N ALA A 127 40.39 12.08 4.00
CA ALA A 127 41.68 12.50 4.57
C ALA A 127 42.74 11.42 4.48
N ALA A 128 42.31 10.15 4.40
CA ALA A 128 43.27 9.07 4.12
C ALA A 128 43.72 9.02 2.66
N GLY A 129 43.13 9.84 1.80
CA GLY A 129 43.49 9.88 0.38
C GLY A 129 42.58 9.11 -0.55
N VAL A 130 41.47 8.58 -0.02
CA VAL A 130 40.50 7.91 -0.88
C VAL A 130 39.51 8.96 -1.37
N PRO A 131 39.36 9.12 -2.69
CA PRO A 131 38.39 10.09 -3.20
C PRO A 131 36.98 9.74 -2.71
N VAL A 132 36.31 10.71 -2.12
CA VAL A 132 34.97 10.48 -1.58
C VAL A 132 34.01 11.42 -2.28
N VAL A 133 33.02 10.86 -2.96
CA VAL A 133 31.88 11.67 -3.36
C VAL A 133 30.67 11.13 -2.60
N LYS A 134 30.32 11.87 -1.56
CA LYS A 134 29.29 11.43 -0.64
C LYS A 134 27.93 11.93 -1.13
N HIS A 135 26.98 11.01 -1.20
CA HIS A 135 25.60 11.39 -1.43
C HIS A 135 24.99 11.60 -0.07
N GLY A 136 24.05 12.53 0.03
CA GLY A 136 23.45 12.73 1.34
C GLY A 136 22.19 13.54 1.34
N ASN A 137 21.59 13.63 2.50
CA ASN A 137 20.37 14.38 2.69
C ASN A 137 20.25 14.84 4.12
N ARG A 138 19.28 15.73 4.33
CA ARG A 138 18.93 16.14 5.67
C ARG A 138 18.26 14.99 6.39
N ALA A 139 17.97 15.20 7.66
CA ALA A 139 17.27 14.22 8.48
C ALA A 139 15.87 13.98 7.94
N ALA A 140 15.38 12.75 8.15
CA ALA A 140 14.00 12.40 7.86
C ALA A 140 13.24 12.17 9.16
N SER A 141 13.87 11.44 10.09
CA SER A 141 13.32 11.18 11.44
C SER A 141 14.26 11.60 12.57
N SER A 142 15.57 11.50 12.35
CA SER A 142 16.57 11.90 13.32
C SER A 142 16.57 13.42 13.52
N LEU A 143 17.23 13.90 14.57
CA LEU A 143 17.30 15.33 14.84
C LEU A 143 18.22 16.07 13.87
N SER A 144 19.29 15.41 13.44
CA SER A 144 20.23 16.01 12.49
C SER A 144 20.82 14.94 11.56
N GLY A 145 20.60 15.11 10.27
CA GLY A 145 21.15 14.18 9.29
C GLY A 145 22.50 14.68 8.83
N GLY A 146 23.15 13.91 7.96
CA GLY A 146 24.47 14.27 7.44
C GLY A 146 24.55 15.68 6.88
N ALA A 147 23.64 16.01 5.97
CA ALA A 147 23.59 17.32 5.34
C ALA A 147 23.41 18.47 6.34
N ASP A 148 22.54 18.25 7.33
CA ASP A 148 22.29 19.22 8.41
C ASP A 148 23.58 19.52 9.20
N THR A 149 24.30 18.45 9.55
CA THR A 149 25.51 18.57 10.34
C THR A 149 26.65 19.20 9.54
N LEU A 150 26.78 18.82 8.27
CA LEU A 150 27.75 19.44 7.37
C LEU A 150 27.49 20.94 7.22
N GLU A 151 26.22 21.31 7.06
CA GLU A 151 25.83 22.70 6.93
C GLU A 151 26.20 23.50 8.19
N ALA A 152 25.97 22.90 9.36
CA ALA A 152 26.30 23.53 10.64
C ALA A 152 27.81 23.67 10.86
N LEU A 153 28.58 22.81 10.20
CA LEU A 153 30.04 22.86 10.23
C LEU A 153 30.61 23.90 9.26
N GLY A 154 29.75 24.50 8.44
CA GLY A 154 30.20 25.51 7.47
C GLY A 154 30.49 24.96 6.09
N VAL A 155 30.27 23.66 5.90
CA VAL A 155 30.41 23.04 4.58
C VAL A 155 29.21 23.39 3.71
N ARG A 156 29.48 23.74 2.46
CA ARG A 156 28.45 24.02 1.47
C ARG A 156 27.81 22.72 0.98
N ILE A 157 26.52 22.55 1.27
CA ILE A 157 25.79 21.37 0.81
C ILE A 157 25.02 21.62 -0.50
N ASP A 158 25.03 22.86 -0.98
CA ASP A 158 24.21 23.32 -2.10
C ASP A 158 24.88 23.24 -3.48
N LEU A 159 26.10 22.71 -3.55
CA LEU A 159 26.86 22.77 -4.79
C LEU A 159 26.29 21.93 -5.93
N GLY A 160 26.25 22.54 -7.12
CA GLY A 160 25.87 21.85 -8.35
C GLY A 160 26.99 20.97 -8.88
N PRO A 161 26.75 20.26 -10.00
CA PRO A 161 27.69 19.30 -10.57
C PRO A 161 29.13 19.80 -10.75
N ASP A 162 29.29 20.96 -11.38
CA ASP A 162 30.62 21.53 -11.62
C ASP A 162 31.37 21.81 -10.31
N LEU A 163 30.70 22.39 -9.33
CA LEU A 163 31.38 22.75 -8.09
C LEU A 163 31.65 21.53 -7.18
N VAL A 164 30.83 20.49 -7.31
CA VAL A 164 31.11 19.23 -6.60
C VAL A 164 32.37 18.58 -7.18
N ALA A 165 32.46 18.54 -8.50
CA ALA A 165 33.65 18.02 -9.18
C ALA A 165 34.90 18.79 -8.74
N ARG A 166 34.77 20.11 -8.58
CA ARG A 166 35.88 20.95 -8.12
C ARG A 166 36.25 20.66 -6.66
N SER A 167 35.24 20.54 -5.80
CA SER A 167 35.47 20.17 -4.40
C SER A 167 36.23 18.86 -4.32
N LEU A 168 35.77 17.87 -5.07
CA LEU A 168 36.42 16.57 -5.13
C LEU A 168 37.89 16.67 -5.56
N ALA A 169 38.15 17.45 -6.61
CA ALA A 169 39.52 17.62 -7.12
C ALA A 169 40.43 18.38 -6.16
N GLU A 170 39.89 19.43 -5.56
CA GLU A 170 40.71 20.36 -4.77
C GLU A 170 40.83 20.00 -3.30
N VAL A 171 39.77 19.38 -2.75
CA VAL A 171 39.69 19.07 -1.32
C VAL A 171 39.84 17.56 -1.07
N GLY A 172 39.41 16.76 -2.03
CA GLY A 172 39.46 15.30 -1.91
C GLY A 172 38.11 14.69 -1.57
N ILE A 173 37.12 15.55 -1.35
CA ILE A 173 35.75 15.14 -1.05
C ILE A 173 34.76 16.11 -1.69
N GLY A 174 33.68 15.56 -2.22
CA GLY A 174 32.54 16.35 -2.68
C GLY A 174 31.29 15.79 -2.03
N PHE A 175 30.29 16.65 -1.86
CA PHE A 175 29.02 16.20 -1.28
C PHE A 175 27.92 16.48 -2.29
N CYS A 176 27.27 15.42 -2.75
CA CYS A 176 26.10 15.54 -3.60
C CYS A 176 24.86 15.54 -2.73
N PHE A 177 24.22 16.70 -2.62
CA PHE A 177 23.01 16.84 -1.83
C PHE A 177 21.87 16.28 -2.68
N ALA A 178 21.18 15.26 -2.19
CA ALA A 178 20.21 14.55 -3.04
C ALA A 178 19.21 15.50 -3.72
N PRO A 179 18.60 16.44 -2.96
CA PRO A 179 17.66 17.39 -3.58
C PRO A 179 18.22 18.22 -4.74
N ARG A 180 19.51 18.58 -4.67
CA ARG A 180 20.15 19.35 -5.73
C ARG A 180 20.29 18.56 -7.03
N PHE A 181 20.52 17.25 -6.90
CA PHE A 181 20.82 16.41 -8.04
C PHE A 181 19.64 15.59 -8.54
N HIS A 182 18.63 15.44 -7.70
CA HIS A 182 17.42 14.65 -8.01
C HIS A 182 16.15 15.47 -7.86
N PRO A 183 16.05 16.65 -8.54
CA PRO A 183 14.88 17.50 -8.35
C PRO A 183 13.58 16.80 -8.69
N SER A 184 13.60 15.93 -9.70
CA SER A 184 12.41 15.23 -10.17
C SER A 184 11.86 14.20 -9.17
N TYR A 185 12.64 13.89 -8.14
CA TYR A 185 12.21 12.94 -7.10
C TYR A 185 11.31 13.60 -6.05
N ARG A 186 11.11 14.91 -6.15
CA ARG A 186 10.33 15.65 -5.14
C ARG A 186 8.94 15.08 -4.87
N HIS A 187 8.28 14.54 -5.91
CA HIS A 187 6.94 13.97 -5.74
C HIS A 187 6.97 12.71 -4.88
N ALA A 188 7.91 11.82 -5.16
CA ALA A 188 8.12 10.63 -4.35
C ALA A 188 8.53 10.99 -2.92
N ALA A 189 9.41 11.98 -2.79
CA ALA A 189 9.86 12.44 -1.47
C ALA A 189 8.72 12.90 -0.58
N ALA A 190 7.83 13.72 -1.14
CA ALA A 190 6.63 14.17 -0.44
C ALA A 190 5.83 12.99 0.11
N VAL A 191 5.57 11.99 -0.74
CA VAL A 191 4.79 10.82 -0.34
C VAL A 191 5.52 10.00 0.74
N ARG A 192 6.82 9.83 0.53
CA ARG A 192 7.70 9.14 1.49
C ARG A 192 7.53 9.75 2.89
N ARG A 193 7.56 11.07 2.97
CA ARG A 193 7.41 11.80 4.23
C ARG A 193 5.98 11.73 4.78
N GLU A 194 5.00 11.77 3.88
CA GLU A 194 3.58 11.73 4.28
C GLU A 194 3.15 10.42 4.92
N ILE A 195 3.64 9.29 4.39
CA ILE A 195 3.16 7.99 4.85
C ILE A 195 3.88 7.45 6.08
N GLY A 196 5.08 7.99 6.36
CA GLY A 196 5.81 7.65 7.57
C GLY A 196 6.46 6.27 7.59
N VAL A 197 5.75 5.27 7.09
CA VAL A 197 6.23 3.89 7.09
C VAL A 197 7.38 3.75 6.08
N PRO A 198 8.47 3.08 6.48
CA PRO A 198 9.52 2.79 5.50
C PRO A 198 8.99 1.90 4.40
N THR A 199 9.45 2.17 3.18
CA THR A 199 9.18 1.33 2.04
C THR A 199 10.47 1.14 1.22
N VAL A 200 10.30 0.48 0.08
CA VAL A 200 11.36 0.38 -0.90
C VAL A 200 11.97 1.74 -1.28
N PHE A 201 11.20 2.83 -1.18
CA PHE A 201 11.74 4.15 -1.49
C PHE A 201 12.90 4.53 -0.57
N ASN A 202 12.87 4.04 0.67
CA ASN A 202 13.91 4.36 1.66
C ASN A 202 15.28 3.79 1.27
N LEU A 203 15.29 2.85 0.34
CA LEU A 203 16.52 2.26 -0.16
C LEU A 203 17.21 3.10 -1.22
N LEU A 204 16.49 4.03 -1.83
CA LEU A 204 16.91 4.63 -3.08
C LEU A 204 18.03 5.67 -2.96
N GLY A 205 18.04 6.44 -1.87
CA GLY A 205 19.14 7.38 -1.61
C GLY A 205 20.53 6.80 -1.82
N PRO A 206 20.89 5.75 -1.05
CA PRO A 206 22.23 5.17 -1.19
C PRO A 206 22.49 4.56 -2.56
N LEU A 207 21.43 4.23 -3.27
CA LEU A 207 21.52 3.60 -4.58
C LEU A 207 21.63 4.59 -5.74
N THR A 208 21.51 5.88 -5.46
CA THR A 208 21.37 6.86 -6.56
C THR A 208 22.36 8.03 -6.44
N ASN A 209 23.54 7.77 -5.91
CA ASN A 209 24.58 8.79 -5.93
C ASN A 209 24.81 9.20 -7.39
N PRO A 210 24.57 10.48 -7.72
CA PRO A 210 24.61 10.90 -9.14
C PRO A 210 26.02 10.91 -9.75
N ALA A 211 27.04 10.84 -8.89
CA ALA A 211 28.42 10.72 -9.36
C ALA A 211 28.77 9.28 -9.67
N ARG A 212 27.89 8.37 -9.27
CA ARG A 212 28.04 6.93 -9.55
C ARG A 212 29.39 6.34 -9.15
N PRO A 213 29.82 6.57 -7.90
CA PRO A 213 31.04 5.94 -7.44
C PRO A 213 30.87 4.42 -7.49
N ARG A 214 31.97 3.73 -7.73
CA ARG A 214 31.93 2.30 -7.89
C ARG A 214 32.17 1.56 -6.59
N ALA A 215 32.54 2.31 -5.53
CA ALA A 215 32.73 1.65 -4.23
C ALA A 215 31.90 2.36 -3.17
N GLY A 216 31.58 1.68 -2.07
CA GLY A 216 30.84 2.35 -1.01
C GLY A 216 30.71 1.53 0.24
N LEU A 217 30.55 2.21 1.37
CA LEU A 217 30.10 1.60 2.61
C LEU A 217 28.67 2.07 2.79
N ILE A 218 27.74 1.13 2.66
CA ILE A 218 26.33 1.49 2.49
C ILE A 218 25.52 0.92 3.65
N GLY A 219 24.94 1.80 4.44
CA GLY A 219 24.14 1.41 5.61
C GLY A 219 22.71 1.13 5.25
N CYS A 220 22.14 0.09 5.85
CA CYS A 220 20.74 -0.23 5.63
C CYS A 220 20.07 -0.51 6.98
N ALA A 221 19.09 0.31 7.34
CA ALA A 221 18.43 0.16 8.64
C ALA A 221 17.49 -1.03 8.69
N PHE A 222 17.16 -1.55 7.51
CA PHE A 222 16.10 -2.54 7.35
C PHE A 222 16.71 -3.88 6.98
N ALA A 223 16.83 -4.75 7.99
CA ALA A 223 17.52 -6.02 7.84
C ALA A 223 17.01 -6.83 6.66
N ASP A 224 15.70 -6.76 6.42
CA ASP A 224 15.03 -7.58 5.40
C ASP A 224 15.15 -6.99 3.99
N LEU A 225 15.75 -5.80 3.90
CA LEU A 225 15.96 -5.17 2.58
C LEU A 225 17.43 -5.00 2.18
N ALA A 226 18.35 -5.24 3.11
CA ALA A 226 19.78 -5.09 2.81
C ALA A 226 20.30 -6.02 1.72
N GLU A 227 19.86 -7.27 1.71
CA GLU A 227 20.28 -8.20 0.66
C GLU A 227 19.88 -7.69 -0.73
N VAL A 228 18.65 -7.18 -0.84
CA VAL A 228 18.16 -6.60 -2.09
C VAL A 228 19.04 -5.41 -2.52
N MET A 229 19.35 -4.52 -1.57
CA MET A 229 20.28 -3.41 -1.88
C MET A 229 21.61 -3.89 -2.41
N ALA A 230 22.14 -4.93 -1.79
CA ALA A 230 23.40 -5.52 -2.19
C ALA A 230 23.30 -6.10 -3.62
N GLY A 231 22.17 -6.74 -3.91
CA GLY A 231 21.91 -7.26 -5.27
C GLY A 231 21.97 -6.20 -6.34
N VAL A 232 21.43 -5.02 -6.02
CA VAL A 232 21.46 -3.86 -6.94
C VAL A 232 22.91 -3.43 -7.24
N PHE A 233 23.71 -3.28 -6.19
CA PHE A 233 25.13 -2.96 -6.36
C PHE A 233 25.88 -4.07 -7.06
N ALA A 234 25.51 -5.31 -6.80
CA ALA A 234 26.17 -6.45 -7.46
C ALA A 234 25.94 -6.38 -8.97
N ALA A 235 24.70 -6.07 -9.35
CA ALA A 235 24.34 -5.97 -10.78
C ALA A 235 25.18 -4.90 -11.51
N ARG A 236 25.55 -3.85 -10.79
CA ARG A 236 26.36 -2.76 -11.32
C ARG A 236 27.84 -3.04 -11.21
N ARG A 237 28.19 -4.18 -10.63
CA ARG A 237 29.58 -4.54 -10.35
C ARG A 237 30.34 -3.47 -9.54
N SER A 238 29.66 -2.96 -8.51
CA SER A 238 30.29 -2.11 -7.52
C SER A 238 31.01 -2.93 -6.47
N SER A 239 31.94 -2.29 -5.76
CA SER A 239 32.57 -2.91 -4.60
C SER A 239 31.99 -2.20 -3.38
N VAL A 240 31.07 -2.89 -2.71
CA VAL A 240 30.27 -2.29 -1.67
C VAL A 240 30.15 -3.25 -0.49
N LEU A 241 30.18 -2.69 0.72
CA LEU A 241 29.74 -3.42 1.89
C LEU A 241 28.41 -2.79 2.28
N VAL A 242 27.34 -3.57 2.20
CA VAL A 242 26.06 -3.12 2.71
C VAL A 242 25.98 -3.60 4.15
N VAL A 243 25.78 -2.67 5.06
CA VAL A 243 25.93 -2.97 6.49
C VAL A 243 24.68 -2.69 7.30
N HIS A 244 24.41 -3.57 8.26
CA HIS A 244 23.31 -3.41 9.17
C HIS A 244 23.80 -3.87 10.55
N GLY A 245 23.91 -2.93 11.50
CA GLY A 245 24.37 -3.28 12.84
C GLY A 245 23.30 -4.17 13.44
N ASP A 246 23.70 -5.23 14.14
CA ASP A 246 22.72 -6.14 14.72
C ASP A 246 21.94 -5.51 15.89
N ASP A 247 22.31 -4.29 16.24
CA ASP A 247 21.55 -3.44 17.16
C ASP A 247 20.55 -2.55 16.42
N GLY A 248 20.55 -2.63 15.10
CA GLY A 248 19.62 -1.81 14.32
C GLY A 248 20.24 -0.63 13.56
N LEU A 249 21.50 -0.32 13.84
CA LEU A 249 22.16 0.85 13.25
C LEU A 249 22.31 0.67 11.75
N ASP A 250 22.13 1.74 10.98
CA ASP A 250 22.46 1.69 9.55
C ASP A 250 23.94 2.05 9.32
N GLU A 251 24.80 1.44 10.14
CA GLU A 251 26.23 1.71 10.18
C GLU A 251 26.86 0.44 10.70
N LEU A 252 28.18 0.34 10.60
CA LEU A 252 28.89 -0.68 11.36
C LEU A 252 28.87 -0.22 12.80
N THR A 253 28.32 -1.06 13.66
CA THR A 253 28.16 -0.69 15.05
C THR A 253 29.35 -1.14 15.90
N THR A 254 29.47 -0.53 17.07
CA THR A 254 30.44 -0.95 18.07
C THR A 254 29.74 -1.53 19.31
N THR A 255 28.42 -1.63 19.27
CA THR A 255 27.69 -2.14 20.45
C THR A 255 27.54 -3.65 20.40
N THR A 256 27.75 -4.22 19.20
CA THR A 256 27.58 -5.66 18.94
C THR A 256 28.08 -6.02 17.53
N THR A 257 27.68 -7.18 17.01
CA THR A 257 28.08 -7.58 15.67
C THR A 257 27.31 -6.74 14.64
N SER A 258 27.78 -6.74 13.41
CA SER A 258 27.05 -6.16 12.28
C SER A 258 26.92 -7.22 11.20
N THR A 259 25.81 -7.22 10.48
CA THR A 259 25.67 -8.09 9.33
C THR A 259 26.16 -7.32 8.13
N ILE A 260 27.02 -7.93 7.34
CA ILE A 260 27.51 -7.25 6.14
C ILE A 260 27.18 -8.09 4.91
N TRP A 261 26.55 -7.46 3.93
CA TRP A 261 26.41 -8.08 2.63
C TRP A 261 27.51 -7.53 1.77
N ARG A 262 28.49 -8.37 1.52
CA ARG A 262 29.69 -7.98 0.84
C ARG A 262 29.51 -8.18 -0.66
N VAL A 263 29.76 -7.12 -1.43
CA VAL A 263 29.59 -7.17 -2.87
C VAL A 263 30.93 -6.99 -3.56
N ALA A 264 31.34 -8.01 -4.29
CA ALA A 264 32.52 -7.96 -5.13
C ALA A 264 32.35 -8.89 -6.32
N ALA A 265 32.97 -8.51 -7.44
CA ALA A 265 32.92 -9.27 -8.70
C ALA A 265 31.51 -9.70 -9.13
N GLY A 266 30.51 -8.89 -8.79
CA GLY A 266 29.13 -9.15 -9.21
C GLY A 266 28.35 -10.15 -8.37
N SER A 267 28.92 -10.59 -7.25
CA SER A 267 28.19 -11.47 -6.35
C SER A 267 28.14 -10.92 -4.92
N VAL A 268 27.18 -11.44 -4.16
CA VAL A 268 26.90 -11.01 -2.80
C VAL A 268 27.26 -12.15 -1.85
N ASP A 269 28.01 -11.79 -0.80
CA ASP A 269 28.42 -12.70 0.27
C ASP A 269 27.83 -12.16 1.57
N LYS A 270 27.16 -12.99 2.35
CA LYS A 270 26.67 -12.53 3.66
C LYS A 270 27.67 -12.90 4.75
N LEU A 271 28.12 -11.90 5.49
CA LEU A 271 29.04 -12.10 6.58
C LEU A 271 28.53 -11.45 7.84
N THR A 272 28.98 -11.94 8.99
CA THR A 272 28.73 -11.26 10.25
C THR A 272 30.08 -10.71 10.70
N PHE A 273 30.08 -9.46 11.14
CA PHE A 273 31.32 -8.78 11.47
C PHE A 273 31.33 -8.46 12.96
N ASP A 274 32.45 -8.76 13.62
CA ASP A 274 32.58 -8.52 15.06
C ASP A 274 33.81 -7.65 15.36
N PRO A 275 33.59 -6.40 15.78
CA PRO A 275 34.68 -5.45 16.06
C PRO A 275 35.65 -5.97 17.12
N ALA A 276 35.17 -6.85 18.01
CA ALA A 276 36.03 -7.45 19.03
C ALA A 276 37.23 -8.13 18.38
N GLY A 277 37.05 -8.67 17.17
CA GLY A 277 38.13 -9.28 16.42
C GLY A 277 39.28 -8.31 16.16
N PHE A 278 39.00 -7.02 16.27
CA PHE A 278 40.01 -5.99 15.97
C PHE A 278 40.32 -5.13 17.20
N GLY A 279 39.99 -5.67 18.38
CA GLY A 279 40.31 -5.03 19.64
C GLY A 279 39.34 -3.94 20.07
N PHE A 280 38.19 -3.84 19.40
CA PHE A 280 37.20 -2.84 19.78
C PHE A 280 36.40 -3.31 20.99
N ALA A 281 36.32 -2.44 21.99
CA ALA A 281 35.51 -2.70 23.17
C ALA A 281 34.05 -2.45 22.82
N ARG A 282 33.17 -3.18 23.50
CA ARG A 282 31.73 -3.03 23.30
C ARG A 282 31.26 -1.68 23.84
N ALA A 283 30.58 -0.92 23.01
CA ALA A 283 29.98 0.33 23.44
C ALA A 283 28.51 0.13 23.76
N GLN A 284 27.91 1.12 24.42
CA GLN A 284 26.47 1.15 24.58
C GLN A 284 25.94 2.14 23.57
N LEU A 285 24.73 1.88 23.08
CA LEU A 285 24.10 2.74 22.09
C LEU A 285 24.01 4.20 22.52
N ASP A 286 23.65 4.46 23.77
CA ASP A 286 23.53 5.85 24.22
C ASP A 286 24.86 6.60 24.23
N GLN A 287 25.98 5.85 24.25
CA GLN A 287 27.29 6.47 24.08
C GLN A 287 27.48 7.09 22.68
N LEU A 288 26.63 6.70 21.74
CA LEU A 288 26.70 7.22 20.37
C LEU A 288 25.58 8.22 20.04
N ALA A 289 24.81 8.61 21.04
CA ALA A 289 23.61 9.44 20.82
C ALA A 289 23.91 10.82 20.27
N GLY A 290 23.02 11.32 19.40
CA GLY A 290 23.19 12.63 18.81
C GLY A 290 22.28 13.69 19.40
N GLY A 291 22.49 14.94 18.97
CA GLY A 291 21.66 16.06 19.36
C GLY A 291 21.23 16.79 18.11
N ASP A 292 21.01 18.09 18.20
CA ASP A 292 20.69 18.89 17.03
C ASP A 292 21.94 19.10 16.15
N ALA A 293 21.78 19.81 15.04
CA ALA A 293 22.88 20.05 14.10
C ALA A 293 24.11 20.61 14.81
N GLN A 294 23.90 21.59 15.69
CA GLN A 294 25.00 22.19 16.43
C GLN A 294 25.72 21.19 17.34
N ALA A 295 24.98 20.36 18.06
CA ALA A 295 25.58 19.32 18.90
C ALA A 295 26.35 18.27 18.09
N ASN A 296 25.78 17.88 16.94
CA ASN A 296 26.44 16.89 16.09
C ASN A 296 27.67 17.47 15.39
N ALA A 297 27.62 18.74 15.03
CA ALA A 297 28.78 19.45 14.48
C ALA A 297 29.90 19.46 15.52
N ALA A 298 29.55 19.74 16.77
CA ALA A 298 30.50 19.71 17.87
C ALA A 298 31.11 18.32 18.04
N ALA A 299 30.32 17.28 17.81
CA ALA A 299 30.82 15.91 17.93
C ALA A 299 31.85 15.58 16.83
N VAL A 300 31.60 16.09 15.63
CA VAL A 300 32.55 15.95 14.53
C VAL A 300 33.87 16.63 14.90
N ARG A 301 33.77 17.88 15.35
CA ARG A 301 34.96 18.63 15.77
C ARG A 301 35.77 17.90 16.84
N ALA A 302 35.06 17.34 17.82
CA ALA A 302 35.67 16.57 18.89
C ALA A 302 36.46 15.37 18.37
N VAL A 303 35.82 14.56 17.52
CA VAL A 303 36.49 13.38 16.98
C VAL A 303 37.70 13.76 16.14
N LEU A 304 37.53 14.75 15.27
CA LEU A 304 38.61 15.16 14.36
C LEU A 304 39.77 15.81 15.14
N GLY A 305 39.47 16.29 16.35
CA GLY A 305 40.47 16.89 17.23
C GLY A 305 41.20 15.89 18.10
N GLY A 306 40.90 14.61 17.90
CA GLY A 306 41.60 13.54 18.60
C GLY A 306 41.00 13.00 19.89
N ALA A 307 39.79 13.44 20.24
CA ALA A 307 39.08 12.94 21.42
C ALA A 307 38.88 11.43 21.34
N ARG A 308 39.28 10.71 22.37
CA ARG A 308 39.17 9.26 22.35
C ARG A 308 37.88 8.83 23.01
N GLY A 309 37.44 7.61 22.72
CA GLY A 309 36.20 7.07 23.28
C GLY A 309 35.27 6.47 22.24
N PRO A 310 34.01 6.21 22.62
CA PRO A 310 33.06 5.49 21.77
C PRO A 310 32.83 6.08 20.37
N VAL A 311 32.68 7.39 20.25
CA VAL A 311 32.37 8.01 18.96
C VAL A 311 33.55 7.84 18.00
N ARG A 312 34.77 8.16 18.47
CA ARG A 312 35.97 7.91 17.67
C ARG A 312 36.03 6.45 17.18
N ASP A 313 35.83 5.51 18.11
CA ASP A 313 35.89 4.10 17.76
C ASP A 313 34.94 3.76 16.61
N ALA A 314 33.69 4.23 16.70
CA ALA A 314 32.70 3.91 15.65
C ALA A 314 33.06 4.61 14.34
N VAL A 315 33.61 5.82 14.42
CA VAL A 315 34.06 6.55 13.24
C VAL A 315 35.20 5.82 12.51
N VAL A 316 36.24 5.44 13.26
CA VAL A 316 37.39 4.69 12.71
C VAL A 316 36.90 3.36 12.10
N LEU A 317 36.00 2.67 12.80
CA LEU A 317 35.49 1.40 12.26
C LEU A 317 34.78 1.60 10.93
N ASN A 318 33.90 2.59 10.86
CA ASN A 318 33.19 2.84 9.61
C ASN A 318 34.09 3.38 8.50
N ALA A 319 35.00 4.28 8.84
CA ALA A 319 35.99 4.73 7.87
C ALA A 319 36.77 3.53 7.33
N ALA A 320 37.20 2.65 8.22
CA ALA A 320 37.92 1.43 7.79
C ALA A 320 37.08 0.59 6.82
N GLY A 321 35.80 0.42 7.12
CA GLY A 321 34.91 -0.35 6.23
C GLY A 321 34.79 0.28 4.83
N ALA A 322 34.69 1.60 4.76
CA ALA A 322 34.71 2.26 3.45
C ALA A 322 36.03 2.04 2.73
N ILE A 323 37.14 2.04 3.48
CA ILE A 323 38.45 1.80 2.86
C ILE A 323 38.54 0.35 2.37
N VAL A 324 37.97 -0.57 3.14
CA VAL A 324 37.88 -1.95 2.69
C VAL A 324 37.06 -2.07 1.37
N ALA A 325 35.95 -1.33 1.27
CA ALA A 325 35.15 -1.33 0.03
C ALA A 325 36.00 -0.86 -1.14
N HIS A 326 36.78 0.19 -0.89
CA HIS A 326 37.67 0.76 -1.89
C HIS A 326 38.73 -0.26 -2.33
N ALA A 327 39.34 -0.94 -1.35
CA ALA A 327 40.31 -2.01 -1.62
C ALA A 327 39.74 -3.10 -2.54
N GLY A 328 38.45 -3.40 -2.35
CA GLY A 328 37.75 -4.45 -3.07
C GLY A 328 37.56 -4.17 -4.56
N LEU A 329 37.87 -2.96 -4.98
CA LEU A 329 37.86 -2.62 -6.41
C LEU A 329 38.92 -3.41 -7.17
N SER A 330 39.96 -3.85 -6.45
CA SER A 330 40.98 -4.72 -7.02
C SER A 330 40.63 -6.19 -6.80
N SER A 331 40.86 -7.01 -7.82
CA SER A 331 40.65 -8.46 -7.71
C SER A 331 41.60 -9.12 -6.70
N ARG A 332 42.70 -8.44 -6.39
CA ARG A 332 43.73 -9.00 -5.49
C ARG A 332 43.37 -8.89 -4.00
N ALA A 333 42.39 -8.04 -3.69
CA ALA A 333 42.03 -7.69 -2.30
C ALA A 333 41.74 -8.88 -1.38
N GLU A 334 42.40 -8.87 -0.21
CA GLU A 334 42.21 -9.90 0.83
C GLU A 334 41.54 -9.26 2.04
N TRP A 335 40.48 -9.88 2.53
CA TRP A 335 39.58 -9.34 3.58
C TRP A 335 40.26 -8.84 4.88
N LEU A 336 41.00 -9.72 5.56
CA LEU A 336 41.63 -9.34 6.83
C LEU A 336 42.79 -8.35 6.68
N PRO A 337 43.71 -8.58 5.72
CA PRO A 337 44.70 -7.51 5.48
C PRO A 337 44.03 -6.16 5.16
N ALA A 338 42.94 -6.17 4.39
CA ALA A 338 42.27 -4.92 4.03
C ALA A 338 41.72 -4.19 5.25
N TRP A 339 41.10 -4.93 6.17
CA TRP A 339 40.59 -4.37 7.42
C TRP A 339 41.71 -3.81 8.28
N GLU A 340 42.81 -4.56 8.42
CA GLU A 340 43.93 -4.07 9.21
C GLU A 340 44.52 -2.78 8.62
N GLU A 341 44.66 -2.75 7.30
CA GLU A 341 45.14 -1.54 6.61
C GLU A 341 44.12 -0.40 6.70
N GLY A 342 42.84 -0.72 6.50
CA GLY A 342 41.77 0.27 6.64
C GLY A 342 41.78 0.92 8.03
N LEU A 343 41.98 0.10 9.05
CA LEU A 343 42.00 0.62 10.43
C LEU A 343 43.23 1.49 10.71
N ARG A 344 44.41 1.04 10.25
CA ARG A 344 45.62 1.84 10.37
C ARG A 344 45.44 3.16 9.67
N ARG A 345 44.88 3.14 8.46
CA ARG A 345 44.72 4.34 7.66
C ARG A 345 43.71 5.31 8.25
N ALA A 346 42.58 4.79 8.74
CA ALA A 346 41.56 5.66 9.35
C ALA A 346 42.11 6.30 10.63
N SER A 347 42.77 5.50 11.47
CA SER A 347 43.33 6.04 12.70
C SER A 347 44.40 7.10 12.40
N ALA A 348 45.30 6.78 11.48
CA ALA A 348 46.35 7.73 11.08
C ALA A 348 45.78 9.04 10.51
N ALA A 349 44.69 8.95 9.73
CA ALA A 349 44.10 10.14 9.15
C ALA A 349 43.60 11.09 10.23
N ILE A 350 43.10 10.54 11.33
CA ILE A 350 42.71 11.39 12.46
C ILE A 350 43.96 11.86 13.20
N ASP A 351 44.83 10.92 13.54
CA ASP A 351 45.95 11.20 14.45
C ASP A 351 46.97 12.19 13.91
N THR A 352 47.15 12.19 12.59
CA THR A 352 48.09 13.10 11.96
C THR A 352 47.53 14.50 11.85
N GLY A 353 46.22 14.62 12.13
CA GLY A 353 45.52 15.86 11.92
C GLY A 353 44.97 16.05 10.51
N ALA A 354 45.21 15.08 9.63
CA ALA A 354 44.75 15.20 8.23
C ALA A 354 43.25 15.43 8.12
N ALA A 355 42.47 14.69 8.92
CA ALA A 355 41.02 14.78 8.86
C ALA A 355 40.53 16.14 9.33
N GLU A 356 41.09 16.62 10.45
CA GLU A 356 40.78 17.94 10.96
C GLU A 356 41.10 19.01 9.91
N GLN A 357 42.28 18.89 9.29
CA GLN A 357 42.71 19.88 8.30
C GLN A 357 41.85 19.79 7.06
N LEU A 358 41.51 18.57 6.66
CA LEU A 358 40.71 18.42 5.47
C LEU A 358 39.36 19.13 5.63
N LEU A 359 38.71 18.94 6.78
CA LEU A 359 37.45 19.64 7.07
C LEU A 359 37.62 21.16 6.95
N ALA A 360 38.65 21.70 7.60
CA ALA A 360 38.95 23.13 7.50
C ALA A 360 39.13 23.56 6.04
N ARG A 361 39.91 22.79 5.28
CA ARG A 361 40.10 23.14 3.87
C ARG A 361 38.80 23.06 3.06
N TRP A 362 37.93 22.12 3.42
CA TRP A 362 36.63 21.97 2.75
C TRP A 362 35.75 23.19 3.01
N VAL A 363 35.76 23.66 4.25
CA VAL A 363 34.99 24.86 4.65
C VAL A 363 35.55 26.08 3.90
N ARG A 364 36.88 26.19 3.82
CA ARG A 364 37.48 27.33 3.14
C ARG A 364 37.14 27.31 1.65
N PHE A 365 37.22 26.12 1.04
CA PHE A 365 36.87 25.94 -0.35
C PHE A 365 35.48 26.53 -0.67
N GLY A 366 34.50 26.21 0.17
CA GLY A 366 33.11 26.64 -0.07
C GLY A 366 32.92 28.14 0.09
N ARG A 367 33.63 28.71 1.04
CA ARG A 367 33.59 30.17 1.28
C ARG A 367 34.28 30.97 0.17
N GLN A 368 35.11 30.29 -0.62
CA GLN A 368 35.90 30.93 -1.69
C GLN A 368 35.37 30.74 -3.12
N ILE A 369 34.11 30.31 -3.26
CA ILE A 369 33.48 30.27 -4.59
C ILE A 369 32.75 31.59 -4.86
N PRO B 24 -2.22 6.51 18.70
CA PRO B 24 -2.27 5.83 17.41
C PRO B 24 -1.78 6.74 16.30
N SER B 25 -1.12 6.17 15.29
CA SER B 25 -0.57 6.97 14.21
C SER B 25 -0.44 6.16 12.94
N TRP B 26 -0.24 6.84 11.81
CA TRP B 26 0.01 6.16 10.54
C TRP B 26 1.28 5.30 10.55
N PRO B 27 2.41 5.85 11.06
CA PRO B 27 3.61 5.03 11.17
C PRO B 27 3.38 3.75 11.95
N GLN B 28 2.64 3.86 13.05
CA GLN B 28 2.36 2.72 13.90
C GLN B 28 1.52 1.67 13.18
N ILE B 29 0.41 2.13 12.61
CA ILE B 29 -0.56 1.21 12.01
C ILE B 29 -0.02 0.66 10.70
N LEU B 30 0.48 1.54 9.82
CA LEU B 30 1.07 1.07 8.56
C LEU B 30 2.24 0.16 8.80
N GLY B 31 3.06 0.47 9.81
CA GLY B 31 4.23 -0.34 10.16
C GLY B 31 3.84 -1.74 10.61
N ARG B 32 2.78 -1.80 11.41
CA ARG B 32 2.23 -3.06 11.86
C ARG B 32 1.72 -3.90 10.66
N LEU B 33 1.04 -3.24 9.72
CA LEU B 33 0.52 -3.93 8.54
C LEU B 33 1.66 -4.43 7.62
N THR B 34 2.66 -3.59 7.38
CA THR B 34 3.79 -3.99 6.52
C THR B 34 4.60 -5.12 7.16
N ASP B 35 4.54 -5.23 8.49
CA ASP B 35 5.18 -6.32 9.21
C ASP B 35 4.28 -7.57 9.21
N ASN B 36 3.20 -7.51 8.43
CA ASN B 36 2.24 -8.61 8.26
C ASN B 36 1.60 -9.07 9.56
N ARG B 37 1.29 -8.11 10.43
CA ARG B 37 0.63 -8.39 11.68
C ARG B 37 -0.80 -7.87 11.69
N ASP B 38 -1.70 -8.63 12.29
CA ASP B 38 -3.05 -8.14 12.54
C ASP B 38 -2.95 -6.90 13.41
N LEU B 39 -3.87 -5.96 13.21
CA LEU B 39 -3.90 -4.75 13.98
C LEU B 39 -4.45 -5.02 15.39
N ALA B 40 -4.13 -4.13 16.32
CA ALA B 40 -4.73 -4.15 17.66
C ALA B 40 -6.16 -3.66 17.56
N ARG B 41 -7.02 -4.12 18.47
CA ARG B 41 -8.39 -3.65 18.53
C ARG B 41 -8.42 -2.14 18.48
N GLY B 42 -9.31 -1.59 17.65
CA GLY B 42 -9.46 -0.14 17.54
C GLY B 42 -8.58 0.55 16.51
N GLN B 43 -7.50 -0.09 16.07
CA GLN B 43 -6.57 0.54 15.11
C GLN B 43 -7.16 0.74 13.73
N ALA B 44 -7.83 -0.28 13.20
CA ALA B 44 -8.51 -0.13 11.91
C ALA B 44 -9.55 0.96 12.01
N ALA B 45 -10.29 0.98 13.11
CA ALA B 45 -11.29 2.00 13.37
C ALA B 45 -10.68 3.41 13.36
N TRP B 46 -9.57 3.58 14.07
CA TRP B 46 -8.91 4.89 14.08
C TRP B 46 -8.56 5.34 12.66
N ALA B 47 -7.95 4.43 11.90
CA ALA B 47 -7.55 4.70 10.53
C ALA B 47 -8.72 5.11 9.68
N MET B 48 -9.79 4.32 9.73
CA MET B 48 -10.96 4.62 8.89
C MET B 48 -11.58 5.93 9.31
N ASP B 49 -11.52 6.23 10.60
CA ASP B 49 -12.09 7.48 11.09
C ASP B 49 -11.28 8.69 10.59
N GLN B 50 -9.96 8.56 10.60
CA GLN B 50 -9.10 9.59 9.96
C GLN B 50 -9.50 9.83 8.51
N ILE B 51 -9.67 8.75 7.76
CA ILE B 51 -10.05 8.81 6.35
C ILE B 51 -11.43 9.45 6.15
N MET B 52 -12.36 9.11 7.03
CA MET B 52 -13.74 9.60 6.95
C MET B 52 -13.89 11.05 7.41
N THR B 53 -12.94 11.54 8.19
CA THR B 53 -13.05 12.90 8.73
C THR B 53 -12.25 13.91 7.91
N GLY B 54 -11.81 13.49 6.71
CA GLY B 54 -10.99 14.35 5.84
C GLY B 54 -9.62 14.67 6.42
N ASN B 55 -9.19 13.87 7.40
CA ASN B 55 -7.90 14.07 8.06
C ASN B 55 -6.74 13.22 7.53
N ALA B 56 -7.02 12.40 6.53
CA ALA B 56 -6.00 11.55 5.91
C ALA B 56 -5.65 12.05 4.51
N ARG B 57 -4.36 12.28 4.28
CA ARG B 57 -3.82 12.66 2.97
C ARG B 57 -4.09 11.53 2.00
N PRO B 58 -4.31 11.84 0.71
CA PRO B 58 -4.51 10.74 -0.24
C PRO B 58 -3.44 9.64 -0.18
N ALA B 59 -2.18 10.01 0.04
CA ALA B 59 -1.09 9.01 0.14
C ALA B 59 -1.29 8.08 1.34
N GLN B 60 -1.82 8.66 2.41
CA GLN B 60 -2.09 7.90 3.62
C GLN B 60 -3.24 6.92 3.40
N ILE B 61 -4.34 7.43 2.84
CA ILE B 61 -5.47 6.59 2.49
C ILE B 61 -5.03 5.39 1.64
N ALA B 62 -4.24 5.67 0.60
CA ALA B 62 -3.81 4.63 -0.32
C ALA B 62 -2.89 3.64 0.36
N ALA B 63 -1.94 4.12 1.16
CA ALA B 63 -1.03 3.25 1.86
C ALA B 63 -1.79 2.29 2.76
N PHE B 64 -2.80 2.82 3.45
CA PHE B 64 -3.63 2.00 4.33
C PHE B 64 -4.45 0.96 3.53
N ALA B 65 -5.11 1.42 2.48
CA ALA B 65 -5.94 0.51 1.69
C ALA B 65 -5.09 -0.64 1.16
N VAL B 66 -3.92 -0.32 0.61
CA VAL B 66 -3.04 -1.37 0.08
C VAL B 66 -2.49 -2.28 1.19
N ALA B 67 -1.96 -1.67 2.25
CA ALA B 67 -1.38 -2.46 3.35
C ALA B 67 -2.39 -3.40 3.99
N MET B 68 -3.60 -2.90 4.22
CA MET B 68 -4.69 -3.68 4.79
C MET B 68 -4.99 -4.89 3.89
N THR B 69 -5.02 -4.66 2.58
CA THR B 69 -5.29 -5.71 1.58
C THR B 69 -4.21 -6.80 1.52
N MET B 70 -2.94 -6.38 1.48
CA MET B 70 -1.86 -7.33 1.32
C MET B 70 -1.55 -8.10 2.60
N LYS B 71 -1.85 -7.52 3.76
CA LYS B 71 -1.70 -8.25 5.01
C LYS B 71 -2.77 -9.36 5.08
N ALA B 72 -3.95 -9.05 4.56
CA ALA B 72 -5.11 -9.97 4.53
C ALA B 72 -5.94 -9.60 5.74
N PRO B 73 -7.03 -8.86 5.50
CA PRO B 73 -7.79 -8.33 6.60
C PRO B 73 -8.58 -9.40 7.34
N THR B 74 -8.79 -9.18 8.63
CA THR B 74 -9.61 -10.09 9.42
C THR B 74 -11.05 -9.56 9.45
N ALA B 75 -12.01 -10.39 9.86
CA ALA B 75 -13.38 -9.92 10.06
C ALA B 75 -13.43 -8.79 11.10
N ASP B 76 -12.63 -8.92 12.17
CA ASP B 76 -12.58 -7.85 13.19
C ASP B 76 -12.20 -6.52 12.54
N GLU B 77 -11.15 -6.55 11.72
CA GLU B 77 -10.65 -5.35 11.08
C GLU B 77 -11.66 -4.77 10.13
N VAL B 78 -12.18 -5.62 9.24
CA VAL B 78 -13.18 -5.16 8.27
C VAL B 78 -14.43 -4.65 9.00
N GLY B 79 -14.83 -5.36 10.05
CA GLY B 79 -15.96 -4.91 10.89
C GLY B 79 -15.75 -3.51 11.45
N GLU B 80 -14.52 -3.23 11.91
CA GLU B 80 -14.18 -1.90 12.39
C GLU B 80 -14.31 -0.86 11.30
N LEU B 81 -13.84 -1.18 10.10
CA LEU B 81 -13.91 -0.24 9.00
C LEU B 81 -15.36 0.07 8.65
N ALA B 82 -16.17 -0.98 8.49
CA ALA B 82 -17.61 -0.79 8.17
C ALA B 82 -18.31 -0.02 9.29
N GLY B 83 -17.95 -0.33 10.53
CA GLY B 83 -18.54 0.34 11.70
C GLY B 83 -18.30 1.82 11.72
N VAL B 84 -17.07 2.23 11.44
CA VAL B 84 -16.74 3.65 11.32
C VAL B 84 -17.60 4.31 10.25
N MET B 85 -17.66 3.71 9.06
CA MET B 85 -18.48 4.28 7.99
C MET B 85 -19.93 4.44 8.41
N LEU B 86 -20.45 3.41 9.07
CA LEU B 86 -21.84 3.45 9.50
C LEU B 86 -22.04 4.53 10.56
N SER B 87 -21.04 4.75 11.39
CA SER B 87 -21.16 5.73 12.47
C SER B 87 -21.22 7.16 11.90
N HIS B 88 -20.71 7.35 10.69
CA HIS B 88 -20.71 8.64 10.00
C HIS B 88 -21.79 8.79 8.93
N ALA B 89 -22.48 7.69 8.64
CA ALA B 89 -23.50 7.69 7.61
C ALA B 89 -24.76 8.42 8.07
N HIS B 90 -25.52 8.94 7.11
CA HIS B 90 -26.88 9.42 7.41
C HIS B 90 -27.75 8.20 7.69
N PRO B 91 -28.40 8.15 8.87
CA PRO B 91 -29.27 7.00 9.11
C PRO B 91 -30.66 7.27 8.54
N LEU B 92 -31.46 6.21 8.40
CA LEU B 92 -32.87 6.41 8.10
C LEU B 92 -33.58 6.86 9.38
N PRO B 93 -34.78 7.45 9.26
CA PRO B 93 -35.48 7.89 10.47
C PRO B 93 -35.85 6.71 11.36
N ALA B 94 -35.98 6.96 12.67
CA ALA B 94 -36.34 5.92 13.63
C ALA B 94 -37.58 5.14 13.21
N ASP B 95 -37.52 3.81 13.36
CA ASP B 95 -38.65 2.91 13.16
C ASP B 95 -39.20 2.88 11.73
N THR B 96 -38.40 3.27 10.73
CA THR B 96 -38.87 3.27 9.34
C THR B 96 -38.36 2.08 8.51
N VAL B 97 -37.46 1.29 9.07
CA VAL B 97 -36.96 0.10 8.39
C VAL B 97 -37.53 -1.13 9.10
N PRO B 98 -38.34 -1.95 8.40
CA PRO B 98 -38.88 -3.15 9.05
C PRO B 98 -37.77 -4.06 9.55
N ASP B 99 -38.03 -4.73 10.69
CA ASP B 99 -37.10 -5.67 11.30
C ASP B 99 -36.60 -6.75 10.32
N ASP B 100 -37.40 -7.02 9.29
CA ASP B 100 -37.08 -8.10 8.34
C ASP B 100 -36.70 -7.60 6.94
N ALA B 101 -36.23 -6.34 6.84
CA ALA B 101 -35.81 -5.80 5.55
C ALA B 101 -34.58 -6.54 5.05
N VAL B 102 -34.46 -6.68 3.74
CA VAL B 102 -33.32 -7.41 3.18
C VAL B 102 -32.58 -6.53 2.18
N ASP B 103 -31.30 -6.83 2.00
CA ASP B 103 -30.47 -6.20 0.97
C ASP B 103 -30.14 -7.25 -0.07
N VAL B 104 -29.93 -6.83 -1.31
CA VAL B 104 -29.35 -7.70 -2.34
C VAL B 104 -28.30 -6.87 -3.03
N VAL B 105 -27.03 -7.18 -2.76
CA VAL B 105 -25.92 -6.34 -3.21
C VAL B 105 -24.64 -7.15 -3.18
N GLY B 106 -23.71 -6.78 -4.05
CA GLY B 106 -22.41 -7.45 -4.07
C GLY B 106 -21.28 -6.44 -4.12
N THR B 107 -20.06 -6.96 -4.01
CA THR B 107 -18.86 -6.14 -4.05
C THR B 107 -18.63 -5.55 -5.45
N GLY B 108 -19.27 -6.18 -6.44
CA GLY B 108 -18.88 -5.92 -7.83
C GLY B 108 -17.48 -6.48 -8.06
N GLY B 109 -16.88 -6.12 -9.20
CA GLY B 109 -15.50 -6.51 -9.50
C GLY B 109 -15.29 -7.96 -9.90
N ASP B 110 -16.34 -8.62 -10.38
CA ASP B 110 -16.17 -10.01 -10.83
C ASP B 110 -15.54 -10.12 -12.23
N GLY B 111 -15.46 -8.98 -12.92
CA GLY B 111 -14.79 -8.89 -14.21
C GLY B 111 -15.70 -9.10 -15.40
N VAL B 112 -16.79 -9.84 -15.18
CA VAL B 112 -17.71 -10.20 -16.25
C VAL B 112 -18.65 -9.04 -16.54
N ASN B 113 -19.02 -8.85 -17.80
CA ASN B 113 -20.06 -7.89 -18.08
C ASN B 113 -21.40 -8.62 -18.06
N THR B 114 -22.02 -8.70 -16.87
CA THR B 114 -23.34 -9.30 -16.72
C THR B 114 -24.39 -8.23 -16.57
N VAL B 115 -25.63 -8.60 -16.88
CA VAL B 115 -26.80 -7.81 -16.55
C VAL B 115 -26.86 -7.64 -15.02
N ASN B 116 -27.68 -6.69 -14.56
CA ASN B 116 -27.70 -6.33 -13.15
C ASN B 116 -28.57 -7.28 -12.34
N LEU B 117 -27.96 -8.39 -11.97
CA LEU B 117 -28.69 -9.50 -11.36
C LEU B 117 -29.24 -9.18 -9.97
N SER B 118 -28.46 -8.47 -9.16
CA SER B 118 -28.88 -8.16 -7.79
C SER B 118 -30.05 -7.21 -7.82
N THR B 119 -29.96 -6.20 -8.67
CA THR B 119 -30.98 -5.17 -8.81
C THR B 119 -32.31 -5.75 -9.33
N MET B 120 -32.22 -6.64 -10.32
CA MET B 120 -33.40 -7.34 -10.82
C MET B 120 -34.00 -8.24 -9.76
N ALA B 121 -33.14 -8.99 -9.08
CA ALA B 121 -33.59 -9.87 -8.00
C ALA B 121 -34.27 -9.05 -6.91
N ALA B 122 -33.72 -7.86 -6.62
CA ALA B 122 -34.26 -7.01 -5.57
C ALA B 122 -35.68 -6.53 -5.89
N ILE B 123 -35.93 -6.18 -7.15
CA ILE B 123 -37.29 -5.79 -7.57
C ILE B 123 -38.28 -6.95 -7.34
N VAL B 124 -37.85 -8.15 -7.72
CA VAL B 124 -38.67 -9.36 -7.62
C VAL B 124 -38.97 -9.73 -6.17
N VAL B 125 -37.93 -9.68 -5.33
CA VAL B 125 -38.07 -9.88 -3.88
C VAL B 125 -39.06 -8.89 -3.23
N ALA B 126 -38.93 -7.61 -3.55
CA ALA B 126 -39.87 -6.63 -3.03
C ALA B 126 -41.29 -6.94 -3.51
N ALA B 127 -41.41 -7.32 -4.77
CA ALA B 127 -42.73 -7.63 -5.36
C ALA B 127 -43.35 -8.83 -4.68
N ALA B 128 -42.51 -9.70 -4.12
CA ALA B 128 -43.00 -10.86 -3.37
C ALA B 128 -43.51 -10.47 -1.97
N GLY B 129 -43.25 -9.23 -1.57
CA GLY B 129 -43.71 -8.73 -0.28
C GLY B 129 -42.67 -8.70 0.83
N VAL B 130 -41.42 -8.94 0.48
CA VAL B 130 -40.32 -8.84 1.45
C VAL B 130 -39.73 -7.42 1.32
N PRO B 131 -39.69 -6.66 2.43
CA PRO B 131 -39.17 -5.29 2.32
C PRO B 131 -37.69 -5.29 1.90
N VAL B 132 -37.35 -4.46 0.92
CA VAL B 132 -35.99 -4.41 0.38
C VAL B 132 -35.45 -3.00 0.51
N VAL B 133 -34.34 -2.85 1.23
CA VAL B 133 -33.62 -1.59 1.20
C VAL B 133 -32.25 -1.85 0.59
N LYS B 134 -32.14 -1.47 -0.67
CA LYS B 134 -30.95 -1.73 -1.41
C LYS B 134 -29.95 -0.60 -1.26
N HIS B 135 -28.71 -1.00 -1.01
CA HIS B 135 -27.60 -0.08 -1.02
C HIS B 135 -26.99 -0.34 -2.37
N GLY B 136 -26.46 0.70 -2.97
CA GLY B 136 -25.89 0.54 -4.29
C GLY B 136 -25.10 1.74 -4.72
N ASN B 137 -24.61 1.64 -5.95
CA ASN B 137 -23.73 2.65 -6.47
C ASN B 137 -23.62 2.42 -7.97
N ARG B 138 -23.04 3.39 -8.67
CA ARG B 138 -22.82 3.27 -10.10
C ARG B 138 -21.76 2.21 -10.41
N ALA B 139 -21.50 2.01 -11.69
CA ALA B 139 -20.44 1.11 -12.14
C ALA B 139 -19.07 1.56 -11.63
N ALA B 140 -18.20 0.59 -11.37
CA ALA B 140 -16.79 0.85 -11.13
C ALA B 140 -15.97 0.33 -12.31
N SER B 141 -16.20 -0.92 -12.70
CA SER B 141 -15.53 -1.51 -13.88
C SER B 141 -16.50 -1.85 -15.00
N SER B 142 -17.64 -2.42 -14.62
CA SER B 142 -18.67 -2.85 -15.58
C SER B 142 -19.18 -1.67 -16.42
N LEU B 143 -19.92 -1.96 -17.50
CA LEU B 143 -20.50 -0.90 -18.31
C LEU B 143 -21.67 -0.22 -17.58
N SER B 144 -22.44 -0.98 -16.80
CA SER B 144 -23.56 -0.40 -16.05
C SER B 144 -23.76 -1.03 -14.67
N GLY B 145 -23.71 -0.18 -13.64
CA GLY B 145 -23.91 -0.65 -12.27
C GLY B 145 -25.39 -0.69 -11.95
N GLY B 146 -25.73 -1.22 -10.78
CA GLY B 146 -27.13 -1.28 -10.36
C GLY B 146 -27.79 0.09 -10.38
N ALA B 147 -27.09 1.08 -9.84
CA ALA B 147 -27.59 2.45 -9.78
C ALA B 147 -27.78 3.06 -11.16
N ASP B 148 -26.82 2.81 -12.07
CA ASP B 148 -26.94 3.30 -13.45
C ASP B 148 -28.19 2.74 -14.14
N THR B 149 -28.44 1.45 -13.93
CA THR B 149 -29.57 0.79 -14.57
C THR B 149 -30.90 1.27 -13.99
N LEU B 150 -30.98 1.39 -12.66
CA LEU B 150 -32.17 1.98 -12.02
C LEU B 150 -32.46 3.38 -12.55
N GLU B 151 -31.42 4.19 -12.68
CA GLU B 151 -31.56 5.54 -13.22
C GLU B 151 -32.12 5.51 -14.66
N ALA B 152 -31.59 4.62 -15.49
CA ALA B 152 -32.06 4.47 -16.87
C ALA B 152 -33.50 3.99 -16.95
N LEU B 153 -33.93 3.27 -15.91
CA LEU B 153 -35.30 2.80 -15.80
C LEU B 153 -36.27 3.87 -15.31
N GLY B 154 -35.74 5.02 -14.89
CA GLY B 154 -36.56 6.12 -14.37
C GLY B 154 -36.73 6.19 -12.86
N VAL B 155 -36.03 5.32 -12.15
CA VAL B 155 -36.05 5.32 -10.68
C VAL B 155 -35.15 6.43 -10.15
N ARG B 156 -35.65 7.17 -9.15
CA ARG B 156 -34.85 8.15 -8.46
C ARG B 156 -33.90 7.42 -7.53
N ILE B 157 -32.60 7.57 -7.79
CA ILE B 157 -31.62 6.84 -6.99
C ILE B 157 -31.05 7.62 -5.81
N ASP B 158 -31.15 8.95 -5.85
CA ASP B 158 -30.47 9.80 -4.88
C ASP B 158 -31.36 10.42 -3.80
N LEU B 159 -32.42 9.73 -3.44
CA LEU B 159 -33.30 10.22 -2.38
C LEU B 159 -32.61 10.22 -1.02
N GLY B 160 -32.92 11.23 -0.21
CA GLY B 160 -32.45 11.30 1.17
C GLY B 160 -33.15 10.33 2.12
N PRO B 161 -32.67 10.26 3.38
CA PRO B 161 -33.19 9.35 4.40
C PRO B 161 -34.72 9.31 4.50
N ASP B 162 -35.36 10.48 4.61
CA ASP B 162 -36.81 10.56 4.77
C ASP B 162 -37.54 9.95 3.57
N LEU B 163 -37.07 10.26 2.37
CA LEU B 163 -37.73 9.78 1.16
C LEU B 163 -37.45 8.30 0.83
N VAL B 164 -36.27 7.81 1.22
CA VAL B 164 -35.99 6.36 1.11
C VAL B 164 -36.93 5.59 2.05
N ALA B 165 -37.14 6.15 3.23
CA ALA B 165 -38.07 5.57 4.20
C ALA B 165 -39.49 5.54 3.65
N ARG B 166 -39.92 6.64 3.03
CA ARG B 166 -41.23 6.71 2.37
C ARG B 166 -41.35 5.69 1.23
N SER B 167 -40.32 5.60 0.39
CA SER B 167 -40.30 4.62 -0.69
C SER B 167 -40.49 3.20 -0.15
N LEU B 168 -39.76 2.87 0.90
CA LEU B 168 -39.82 1.53 1.49
C LEU B 168 -41.24 1.20 1.93
N ALA B 169 -41.88 2.15 2.60
CA ALA B 169 -43.22 1.95 3.15
C ALA B 169 -44.28 1.89 2.04
N GLU B 170 -44.18 2.80 1.09
CA GLU B 170 -45.20 2.96 0.06
C GLU B 170 -45.05 2.02 -1.13
N VAL B 171 -43.80 1.74 -1.50
CA VAL B 171 -43.52 0.95 -2.70
C VAL B 171 -43.09 -0.45 -2.34
N GLY B 172 -42.42 -0.59 -1.20
CA GLY B 172 -41.90 -1.89 -0.78
C GLY B 172 -40.41 -2.04 -0.99
N ILE B 173 -39.82 -1.02 -1.60
CA ILE B 173 -38.38 -0.98 -1.87
C ILE B 173 -37.88 0.45 -1.77
N GLY B 174 -36.66 0.59 -1.29
CA GLY B 174 -35.95 1.86 -1.26
C GLY B 174 -34.52 1.62 -1.73
N PHE B 175 -33.89 2.66 -2.26
CA PHE B 175 -32.50 2.56 -2.70
C PHE B 175 -31.66 3.64 -2.05
N CYS B 176 -30.70 3.24 -1.24
CA CYS B 176 -29.75 4.18 -0.65
C CYS B 176 -28.54 4.27 -1.54
N PHE B 177 -28.38 5.42 -2.18
CA PHE B 177 -27.24 5.68 -3.05
C PHE B 177 -26.01 5.96 -2.17
N ALA B 178 -24.96 5.16 -2.33
CA ALA B 178 -23.80 5.28 -1.44
C ALA B 178 -23.30 6.73 -1.27
N PRO B 179 -23.04 7.45 -2.38
CA PRO B 179 -22.57 8.82 -2.26
C PRO B 179 -23.51 9.76 -1.50
N ARG B 180 -24.81 9.48 -1.54
CA ARG B 180 -25.79 10.29 -0.79
C ARG B 180 -25.70 10.06 0.73
N PHE B 181 -25.53 8.80 1.14
CA PHE B 181 -25.54 8.46 2.55
C PHE B 181 -24.19 8.43 3.24
N HIS B 182 -23.13 8.31 2.46
CA HIS B 182 -21.76 8.29 2.97
C HIS B 182 -20.94 9.44 2.38
N PRO B 183 -21.38 10.69 2.57
CA PRO B 183 -20.67 11.84 1.99
C PRO B 183 -19.21 11.95 2.43
N SER B 184 -18.93 11.57 3.68
CA SER B 184 -17.57 11.62 4.24
C SER B 184 -16.61 10.58 3.64
N TYR B 185 -17.16 9.62 2.90
CA TYR B 185 -16.37 8.59 2.20
C TYR B 185 -15.75 9.10 0.90
N ARG B 186 -16.10 10.31 0.48
CA ARG B 186 -15.65 10.82 -0.83
C ARG B 186 -14.14 10.77 -1.05
N HIS B 187 -13.36 11.01 0.01
CA HIS B 187 -11.89 11.00 -0.11
C HIS B 187 -11.36 9.61 -0.37
N ALA B 188 -11.91 8.65 0.36
CA ALA B 188 -11.59 7.25 0.13
C ALA B 188 -12.02 6.82 -1.27
N ALA B 189 -13.18 7.30 -1.73
CA ALA B 189 -13.69 6.91 -3.05
C ALA B 189 -12.78 7.39 -4.18
N ALA B 190 -12.27 8.62 -4.05
CA ALA B 190 -11.37 9.20 -5.05
C ALA B 190 -10.08 8.37 -5.15
N VAL B 191 -9.53 7.99 -4.00
CA VAL B 191 -8.32 7.16 -3.94
C VAL B 191 -8.56 5.78 -4.57
N ARG B 192 -9.68 5.16 -4.23
CA ARG B 192 -10.05 3.89 -4.86
C ARG B 192 -10.03 4.01 -6.40
N ARG B 193 -10.61 5.08 -6.92
CA ARG B 193 -10.60 5.31 -8.37
C ARG B 193 -9.19 5.53 -8.90
N GLU B 194 -8.37 6.25 -8.15
CA GLU B 194 -7.00 6.52 -8.58
C GLU B 194 -6.11 5.28 -8.57
N ILE B 195 -6.26 4.46 -7.53
CA ILE B 195 -5.52 3.19 -7.38
C ILE B 195 -5.90 2.21 -8.49
N GLY B 196 -7.20 2.10 -8.76
CA GLY B 196 -7.71 1.29 -9.86
C GLY B 196 -7.64 -0.22 -9.69
N VAL B 197 -7.21 -0.66 -8.52
CA VAL B 197 -7.10 -2.09 -8.21
C VAL B 197 -7.97 -2.37 -6.97
N PRO B 198 -8.60 -3.56 -6.87
CA PRO B 198 -9.37 -3.85 -5.67
C PRO B 198 -8.52 -3.80 -4.40
N THR B 199 -9.12 -3.30 -3.32
CA THR B 199 -8.54 -3.36 -1.99
C THR B 199 -9.65 -3.80 -1.05
N VAL B 200 -9.29 -3.88 0.23
CA VAL B 200 -10.27 -4.06 1.30
C VAL B 200 -11.46 -3.10 1.20
N PHE B 201 -11.27 -1.88 0.67
CA PHE B 201 -12.40 -0.93 0.53
C PHE B 201 -13.51 -1.50 -0.34
N ASN B 202 -13.16 -2.38 -1.27
CA ASN B 202 -14.14 -2.99 -2.18
C ASN B 202 -15.10 -3.93 -1.44
N LEU B 203 -14.78 -4.29 -0.20
CA LEU B 203 -15.66 -5.14 0.61
C LEU B 203 -16.74 -4.35 1.34
N LEU B 204 -16.58 -3.03 1.40
CA LEU B 204 -17.30 -2.23 2.36
C LEU B 204 -18.72 -1.90 1.92
N GLY B 205 -18.94 -1.80 0.61
CA GLY B 205 -20.27 -1.54 0.07
C GLY B 205 -21.38 -2.36 0.69
N PRO B 206 -21.29 -3.69 0.58
CA PRO B 206 -22.35 -4.56 1.11
C PRO B 206 -22.49 -4.50 2.62
N LEU B 207 -21.42 -4.05 3.28
CA LEU B 207 -21.34 -4.02 4.72
C LEU B 207 -21.74 -2.70 5.34
N THR B 208 -22.11 -1.73 4.50
CA THR B 208 -22.36 -0.38 4.99
C THR B 208 -23.68 0.21 4.51
N ASN B 209 -24.67 -0.66 4.28
CA ASN B 209 -26.02 -0.20 4.00
C ASN B 209 -26.49 0.64 5.19
N PRO B 210 -26.78 1.93 4.96
CA PRO B 210 -27.12 2.84 6.06
C PRO B 210 -28.48 2.57 6.72
N ALA B 211 -29.34 1.79 6.06
CA ALA B 211 -30.62 1.34 6.65
C ALA B 211 -30.42 0.14 7.55
N ARG B 212 -29.24 -0.46 7.46
CA ARG B 212 -28.83 -1.58 8.30
C ARG B 212 -29.83 -2.75 8.34
N PRO B 213 -30.21 -3.26 7.15
CA PRO B 213 -31.11 -4.41 7.11
C PRO B 213 -30.40 -5.61 7.75
N ARG B 214 -31.17 -6.42 8.46
CA ARG B 214 -30.64 -7.58 9.18
C ARG B 214 -30.53 -8.81 8.30
N ALA B 215 -31.06 -8.73 7.07
CA ALA B 215 -30.92 -9.87 6.15
C ALA B 215 -30.34 -9.44 4.81
N GLY B 216 -29.76 -10.39 4.09
CA GLY B 216 -29.18 -10.05 2.79
C GLY B 216 -28.68 -11.22 1.99
N LEU B 217 -28.74 -11.06 0.67
CA LEU B 217 -28.01 -11.91 -0.23
C LEU B 217 -26.84 -11.08 -0.74
N ILE B 218 -25.64 -11.46 -0.32
CA ILE B 218 -24.46 -10.63 -0.45
C ILE B 218 -23.45 -11.31 -1.36
N GLY B 219 -23.19 -10.70 -2.50
CA GLY B 219 -22.26 -11.29 -3.47
C GLY B 219 -20.85 -10.82 -3.15
N CYS B 220 -19.88 -11.71 -3.27
CA CYS B 220 -18.49 -11.35 -3.07
C CYS B 220 -17.65 -11.95 -4.19
N ALA B 221 -17.09 -11.09 -5.02
CA ALA B 221 -16.31 -11.47 -6.20
C ALA B 221 -14.95 -12.09 -5.86
N PHE B 222 -14.51 -11.87 -4.63
CA PHE B 222 -13.17 -12.27 -4.19
C PHE B 222 -13.30 -13.46 -3.26
N ALA B 223 -13.03 -14.66 -3.80
CA ALA B 223 -13.33 -15.91 -3.12
C ALA B 223 -12.64 -16.04 -1.77
N ASP B 224 -11.46 -15.44 -1.65
CA ASP B 224 -10.68 -15.57 -0.42
C ASP B 224 -11.12 -14.59 0.68
N LEU B 225 -12.01 -13.66 0.34
CA LEU B 225 -12.50 -12.67 1.30
C LEU B 225 -13.97 -12.87 1.65
N ALA B 226 -14.61 -13.82 0.96
CA ALA B 226 -16.01 -14.11 1.22
C ALA B 226 -16.24 -14.54 2.66
N GLU B 227 -15.38 -15.41 3.18
CA GLU B 227 -15.51 -15.86 4.56
C GLU B 227 -15.37 -14.70 5.55
N VAL B 228 -14.53 -13.73 5.21
CA VAL B 228 -14.33 -12.52 6.04
C VAL B 228 -15.61 -11.67 6.06
N MET B 229 -16.20 -11.45 4.88
CA MET B 229 -17.49 -10.74 4.83
C MET B 229 -18.52 -11.45 5.68
N ALA B 230 -18.59 -12.77 5.57
CA ALA B 230 -19.54 -13.56 6.35
C ALA B 230 -19.34 -13.37 7.85
N GLY B 231 -18.09 -13.35 8.28
CA GLY B 231 -17.74 -13.11 9.68
C GLY B 231 -18.17 -11.74 10.16
N VAL B 232 -18.10 -10.74 9.30
CA VAL B 232 -18.59 -9.39 9.65
C VAL B 232 -20.11 -9.42 9.87
N PHE B 233 -20.83 -10.11 8.98
CA PHE B 233 -22.27 -10.24 9.15
C PHE B 233 -22.63 -11.10 10.36
N ALA B 234 -21.88 -12.18 10.58
CA ALA B 234 -22.08 -13.02 11.76
C ALA B 234 -21.97 -12.22 13.04
N ALA B 235 -21.01 -11.30 13.08
CA ALA B 235 -20.78 -10.45 14.26
C ALA B 235 -22.01 -9.58 14.59
N ARG B 236 -22.72 -9.13 13.56
CA ARG B 236 -23.95 -8.34 13.73
C ARG B 236 -25.20 -9.20 13.88
N ARG B 237 -25.00 -10.52 13.90
CA ARG B 237 -26.09 -11.49 13.92
C ARG B 237 -27.11 -11.23 12.81
N SER B 238 -26.60 -10.99 11.62
CA SER B 238 -27.44 -10.86 10.44
C SER B 238 -27.79 -12.26 9.94
N SER B 239 -28.92 -12.37 9.25
CA SER B 239 -29.19 -13.56 8.49
C SER B 239 -28.80 -13.29 7.03
N VAL B 240 -27.66 -13.82 6.61
CA VAL B 240 -27.09 -13.48 5.34
C VAL B 240 -26.60 -14.75 4.62
N LEU B 241 -26.72 -14.75 3.30
CA LEU B 241 -26.04 -15.72 2.47
C LEU B 241 -25.00 -14.92 1.72
N VAL B 242 -23.73 -15.17 2.02
CA VAL B 242 -22.64 -14.58 1.25
C VAL B 242 -22.32 -15.56 0.13
N VAL B 243 -22.31 -15.08 -1.10
CA VAL B 243 -22.29 -15.98 -2.25
C VAL B 243 -21.20 -15.64 -3.25
N HIS B 244 -20.56 -16.68 -3.75
CA HIS B 244 -19.54 -16.55 -4.81
C HIS B 244 -19.81 -17.69 -5.79
N GLY B 245 -20.20 -17.34 -7.01
CA GLY B 245 -20.40 -18.33 -8.06
C GLY B 245 -19.05 -18.96 -8.35
N ASP B 246 -19.03 -20.29 -8.50
CA ASP B 246 -17.77 -21.01 -8.74
C ASP B 246 -17.20 -20.70 -10.12
N ASP B 247 -17.89 -19.83 -10.83
CA ASP B 247 -17.45 -19.27 -12.10
C ASP B 247 -16.95 -17.84 -11.93
N GLY B 248 -16.88 -17.38 -10.67
CA GLY B 248 -16.37 -16.04 -10.36
C GLY B 248 -17.42 -14.96 -10.07
N LEU B 249 -18.68 -15.23 -10.40
CA LEU B 249 -19.72 -14.21 -10.23
C LEU B 249 -19.91 -13.82 -8.78
N ASP B 250 -20.12 -12.53 -8.51
CA ASP B 250 -20.52 -12.10 -7.17
C ASP B 250 -22.06 -12.18 -7.04
N GLU B 251 -22.61 -13.30 -7.52
CA GLU B 251 -24.02 -13.62 -7.47
C GLU B 251 -24.15 -15.15 -7.38
N LEU B 252 -25.37 -15.63 -7.09
CA LEU B 252 -25.66 -17.04 -7.33
C LEU B 252 -25.71 -17.21 -8.84
N THR B 253 -24.87 -18.11 -9.34
CA THR B 253 -24.75 -18.32 -10.76
C THR B 253 -25.62 -19.50 -11.22
N THR B 254 -25.90 -19.57 -12.51
CA THR B 254 -26.67 -20.70 -13.08
C THR B 254 -25.75 -21.48 -14.03
N THR B 255 -24.48 -21.07 -14.01
CA THR B 255 -23.46 -21.49 -14.95
C THR B 255 -22.77 -22.75 -14.40
N THR B 256 -22.84 -22.90 -13.09
CA THR B 256 -22.20 -23.96 -12.34
C THR B 256 -22.69 -23.84 -10.89
N THR B 257 -21.97 -24.47 -9.97
CA THR B 257 -22.27 -24.40 -8.54
C THR B 257 -21.89 -23.02 -7.97
N SER B 258 -22.31 -22.76 -6.74
CA SER B 258 -21.89 -21.55 -6.06
C SER B 258 -21.44 -21.93 -4.67
N THR B 259 -20.48 -21.19 -4.13
CA THR B 259 -20.16 -21.31 -2.73
C THR B 259 -21.05 -20.33 -1.98
N ILE B 260 -21.70 -20.81 -0.92
CA ILE B 260 -22.49 -19.97 -0.05
C ILE B 260 -21.90 -20.06 1.35
N TRP B 261 -21.60 -18.89 1.91
CA TRP B 261 -21.29 -18.82 3.32
C TRP B 261 -22.58 -18.41 4.01
N ARG B 262 -23.23 -19.37 4.67
CA ARG B 262 -24.50 -19.11 5.33
C ARG B 262 -24.24 -18.53 6.69
N VAL B 263 -24.91 -17.43 7.00
CA VAL B 263 -24.75 -16.76 8.27
C VAL B 263 -26.07 -16.78 9.01
N ALA B 264 -26.08 -17.46 10.15
CA ALA B 264 -27.25 -17.56 11.02
C ALA B 264 -26.79 -17.76 12.47
N ALA B 265 -27.57 -17.21 13.40
CA ALA B 265 -27.30 -17.32 14.84
C ALA B 265 -25.86 -16.96 15.22
N GLY B 266 -25.30 -15.98 14.52
CA GLY B 266 -23.93 -15.51 14.77
C GLY B 266 -22.84 -16.48 14.32
N SER B 267 -23.22 -17.49 13.55
CA SER B 267 -22.28 -18.51 13.06
C SER B 267 -22.29 -18.64 11.54
N VAL B 268 -21.12 -18.93 10.98
CA VAL B 268 -20.95 -19.11 9.54
C VAL B 268 -20.72 -20.58 9.23
N ASP B 269 -21.38 -21.10 8.20
CA ASP B 269 -20.94 -22.35 7.60
C ASP B 269 -20.91 -22.22 6.08
N LYS B 270 -20.14 -23.11 5.45
CA LYS B 270 -19.83 -23.00 4.05
C LYS B 270 -20.38 -24.24 3.34
N LEU B 271 -21.14 -24.02 2.28
CA LEU B 271 -21.62 -25.11 1.46
C LEU B 271 -21.53 -24.82 -0.03
N THR B 272 -21.62 -25.87 -0.82
CA THR B 272 -21.66 -25.75 -2.27
C THR B 272 -23.11 -25.93 -2.72
N PHE B 273 -23.58 -24.96 -3.50
CA PHE B 273 -24.97 -24.91 -3.90
C PHE B 273 -25.09 -25.18 -5.38
N ASP B 274 -26.01 -26.08 -5.75
CA ASP B 274 -26.23 -26.39 -7.16
C ASP B 274 -27.67 -26.12 -7.53
N PRO B 275 -27.90 -25.13 -8.42
CA PRO B 275 -29.26 -24.80 -8.81
C PRO B 275 -29.95 -25.89 -9.66
N ALA B 276 -29.17 -26.83 -10.19
CA ALA B 276 -29.73 -27.96 -10.94
C ALA B 276 -30.65 -28.81 -10.06
N GLY B 277 -30.37 -28.83 -8.75
CA GLY B 277 -31.20 -29.53 -7.78
C GLY B 277 -32.60 -28.98 -7.69
N PHE B 278 -32.80 -27.77 -8.23
CA PHE B 278 -34.14 -27.18 -8.31
C PHE B 278 -34.64 -27.08 -9.75
N GLY B 279 -33.98 -27.78 -10.65
CA GLY B 279 -34.42 -27.89 -12.04
C GLY B 279 -33.87 -26.83 -12.97
N PHE B 280 -32.90 -26.04 -12.50
CA PHE B 280 -32.29 -25.00 -13.34
C PHE B 280 -31.32 -25.61 -14.35
N ALA B 281 -31.50 -25.24 -15.61
CA ALA B 281 -30.60 -25.66 -16.67
C ALA B 281 -29.27 -24.90 -16.51
N ARG B 282 -28.16 -25.57 -16.83
CA ARG B 282 -26.87 -24.90 -16.88
C ARG B 282 -26.92 -23.84 -17.98
N ALA B 283 -26.41 -22.65 -17.68
CA ALA B 283 -26.27 -21.62 -18.69
C ALA B 283 -24.80 -21.36 -18.94
N GLN B 284 -24.52 -20.64 -20.02
CA GLN B 284 -23.18 -20.15 -20.33
C GLN B 284 -23.11 -18.70 -19.88
N LEU B 285 -21.93 -18.28 -19.44
CA LEU B 285 -21.73 -16.92 -18.95
C LEU B 285 -22.10 -15.87 -20.01
N ASP B 286 -21.83 -16.20 -21.27
CA ASP B 286 -22.22 -15.35 -22.40
C ASP B 286 -23.68 -14.96 -22.40
N GLN B 287 -24.54 -15.87 -21.94
CA GLN B 287 -25.98 -15.63 -21.96
C GLN B 287 -26.44 -14.64 -20.88
N LEU B 288 -25.59 -14.42 -19.88
CA LEU B 288 -25.89 -13.47 -18.81
C LEU B 288 -25.24 -12.11 -19.07
N ALA B 289 -24.62 -11.98 -20.24
CA ALA B 289 -23.85 -10.78 -20.60
C ALA B 289 -24.70 -9.51 -20.68
N GLY B 290 -24.16 -8.43 -20.15
CA GLY B 290 -24.85 -7.15 -20.19
C GLY B 290 -24.16 -6.16 -21.10
N GLY B 291 -24.71 -4.95 -21.16
CA GLY B 291 -24.14 -3.87 -21.97
C GLY B 291 -24.23 -2.57 -21.21
N ASP B 292 -24.54 -1.48 -21.91
CA ASP B 292 -24.65 -0.18 -21.28
C ASP B 292 -25.93 -0.08 -20.43
N ALA B 293 -26.15 1.08 -19.81
CA ALA B 293 -27.30 1.26 -18.93
C ALA B 293 -28.63 1.04 -19.65
N GLN B 294 -28.71 1.52 -20.89
CA GLN B 294 -29.89 1.30 -21.74
C GLN B 294 -30.14 -0.18 -22.03
N ALA B 295 -29.09 -0.90 -22.40
CA ALA B 295 -29.21 -2.33 -22.70
C ALA B 295 -29.62 -3.10 -21.44
N ASN B 296 -29.00 -2.74 -20.31
CA ASN B 296 -29.30 -3.41 -19.05
C ASN B 296 -30.69 -3.08 -18.51
N ALA B 297 -31.15 -1.85 -18.73
CA ALA B 297 -32.53 -1.48 -18.42
C ALA B 297 -33.50 -2.27 -19.30
N ALA B 298 -33.13 -2.48 -20.57
CA ALA B 298 -33.98 -3.26 -21.47
C ALA B 298 -34.08 -4.69 -20.97
N ALA B 299 -32.95 -5.22 -20.51
CA ALA B 299 -32.90 -6.57 -19.93
C ALA B 299 -33.82 -6.71 -18.72
N VAL B 300 -33.87 -5.67 -17.88
CA VAL B 300 -34.78 -5.65 -16.73
C VAL B 300 -36.24 -5.72 -17.20
N ARG B 301 -36.61 -4.83 -18.13
CA ARG B 301 -37.95 -4.83 -18.71
C ARG B 301 -38.35 -6.17 -19.30
N ALA B 302 -37.43 -6.79 -20.05
CA ALA B 302 -37.69 -8.10 -20.67
C ALA B 302 -37.98 -9.17 -19.62
N VAL B 303 -37.12 -9.26 -18.59
CA VAL B 303 -37.33 -10.21 -17.50
C VAL B 303 -38.67 -9.95 -16.80
N LEU B 304 -38.89 -8.70 -16.38
CA LEU B 304 -40.11 -8.34 -15.65
C LEU B 304 -41.36 -8.48 -16.51
N GLY B 305 -41.18 -8.49 -17.84
CA GLY B 305 -42.26 -8.65 -18.79
C GLY B 305 -42.56 -10.11 -19.11
N GLY B 306 -41.75 -11.01 -18.56
CA GLY B 306 -42.01 -12.44 -18.69
C GLY B 306 -41.17 -13.24 -19.67
N ALA B 307 -40.14 -12.61 -20.25
CA ALA B 307 -39.24 -13.35 -21.13
C ALA B 307 -38.62 -14.55 -20.40
N ARG B 308 -38.75 -15.74 -21.00
CA ARG B 308 -38.13 -16.95 -20.46
C ARG B 308 -36.72 -17.06 -21.00
N GLY B 309 -35.84 -17.68 -20.22
CA GLY B 309 -34.46 -17.87 -20.62
C GLY B 309 -33.45 -17.72 -19.50
N PRO B 310 -32.16 -17.66 -19.86
CA PRO B 310 -31.06 -17.65 -18.90
C PRO B 310 -31.11 -16.48 -17.91
N VAL B 311 -31.44 -15.29 -18.39
CA VAL B 311 -31.46 -14.10 -17.53
C VAL B 311 -32.52 -14.29 -16.45
N ARG B 312 -33.74 -14.64 -16.88
CA ARG B 312 -34.81 -14.95 -15.94
C ARG B 312 -34.38 -15.93 -14.87
N ASP B 313 -33.82 -17.06 -15.30
CA ASP B 313 -33.41 -18.12 -14.38
C ASP B 313 -32.48 -17.56 -13.30
N ALA B 314 -31.47 -16.80 -13.71
CA ALA B 314 -30.53 -16.21 -12.76
C ALA B 314 -31.19 -15.19 -11.84
N VAL B 315 -32.17 -14.45 -12.37
CA VAL B 315 -32.90 -13.47 -11.57
C VAL B 315 -33.74 -14.19 -10.50
N VAL B 316 -34.50 -15.18 -10.94
CA VAL B 316 -35.35 -15.99 -10.06
C VAL B 316 -34.53 -16.65 -8.96
N LEU B 317 -33.39 -17.23 -9.36
CA LEU B 317 -32.50 -17.93 -8.42
C LEU B 317 -31.98 -17.00 -7.32
N ASN B 318 -31.51 -15.82 -7.73
CA ASN B 318 -31.00 -14.82 -6.78
C ASN B 318 -32.10 -14.15 -5.95
N ALA B 319 -33.27 -13.94 -6.55
CA ALA B 319 -34.43 -13.50 -5.79
C ALA B 319 -34.77 -14.54 -4.70
N ALA B 320 -34.81 -15.82 -5.06
CA ALA B 320 -35.09 -16.88 -4.08
C ALA B 320 -34.03 -16.93 -2.99
N GLY B 321 -32.76 -16.77 -3.37
CA GLY B 321 -31.66 -16.63 -2.41
C GLY B 321 -31.90 -15.57 -1.34
N ALA B 322 -32.34 -14.39 -1.77
CA ALA B 322 -32.64 -13.28 -0.83
C ALA B 322 -33.83 -13.62 0.07
N ILE B 323 -34.83 -14.32 -0.48
CA ILE B 323 -35.98 -14.75 0.31
C ILE B 323 -35.55 -15.79 1.35
N VAL B 324 -34.65 -16.69 0.96
CA VAL B 324 -34.08 -17.67 1.89
C VAL B 324 -33.37 -16.96 3.05
N ALA B 325 -32.55 -15.96 2.71
CA ALA B 325 -31.89 -15.14 3.73
C ALA B 325 -32.90 -14.51 4.69
N HIS B 326 -33.99 -14.00 4.11
CA HIS B 326 -35.09 -13.43 4.89
C HIS B 326 -35.69 -14.47 5.84
N ALA B 327 -35.90 -15.68 5.34
CA ALA B 327 -36.48 -16.77 6.12
C ALA B 327 -35.58 -17.13 7.29
N GLY B 328 -34.27 -17.09 7.05
CA GLY B 328 -33.27 -17.33 8.09
C GLY B 328 -33.36 -16.42 9.31
N LEU B 329 -34.08 -15.31 9.19
CA LEU B 329 -34.34 -14.45 10.35
C LEU B 329 -35.13 -15.19 11.44
N SER B 330 -35.93 -16.17 11.01
CA SER B 330 -36.67 -17.05 11.92
C SER B 330 -35.83 -18.25 12.35
N SER B 331 -35.91 -18.59 13.64
CA SER B 331 -35.13 -19.70 14.21
C SER B 331 -35.51 -21.07 13.62
N ARG B 332 -36.77 -21.23 13.25
CA ARG B 332 -37.27 -22.54 12.83
C ARG B 332 -37.17 -22.79 11.31
N ALA B 333 -36.52 -21.88 10.58
CA ALA B 333 -36.38 -22.01 9.12
C ALA B 333 -35.56 -23.24 8.72
N GLU B 334 -36.02 -23.95 7.69
CA GLU B 334 -35.33 -25.12 7.17
C GLU B 334 -34.86 -24.84 5.75
N TRP B 335 -33.63 -25.22 5.43
CA TRP B 335 -32.95 -24.89 4.15
C TRP B 335 -33.71 -25.20 2.85
N LEU B 336 -34.01 -26.47 2.61
CA LEU B 336 -34.67 -26.85 1.35
C LEU B 336 -36.11 -26.34 1.23
N PRO B 337 -36.92 -26.43 2.30
CA PRO B 337 -38.25 -25.80 2.23
C PRO B 337 -38.19 -24.29 1.96
N ALA B 338 -37.20 -23.60 2.56
CA ALA B 338 -37.07 -22.16 2.34
C ALA B 338 -36.79 -21.87 0.87
N TRP B 339 -35.88 -22.64 0.27
CA TRP B 339 -35.58 -22.52 -1.15
C TRP B 339 -36.79 -22.76 -2.06
N GLU B 340 -37.51 -23.85 -1.81
CA GLU B 340 -38.70 -24.16 -2.61
C GLU B 340 -39.76 -23.06 -2.52
N GLU B 341 -40.01 -22.56 -1.32
CA GLU B 341 -40.90 -21.42 -1.14
C GLU B 341 -40.32 -20.18 -1.83
N GLY B 342 -39.02 -19.94 -1.64
CA GLY B 342 -38.33 -18.78 -2.25
C GLY B 342 -38.50 -18.75 -3.75
N LEU B 343 -38.25 -19.90 -4.37
CA LEU B 343 -38.35 -20.05 -5.83
C LEU B 343 -39.78 -19.86 -6.35
N ARG B 344 -40.76 -20.44 -5.63
CA ARG B 344 -42.18 -20.26 -5.96
C ARG B 344 -42.60 -18.79 -5.88
N ARG B 345 -42.18 -18.12 -4.82
CA ARG B 345 -42.54 -16.72 -4.60
C ARG B 345 -41.89 -15.81 -5.62
N ALA B 346 -40.65 -16.11 -5.98
CA ALA B 346 -39.91 -15.26 -6.94
C ALA B 346 -40.50 -15.41 -8.33
N SER B 347 -40.77 -16.67 -8.71
CA SER B 347 -41.42 -16.96 -9.99
C SER B 347 -42.79 -16.32 -10.08
N ALA B 348 -43.60 -16.50 -9.04
CA ALA B 348 -44.95 -15.92 -9.02
C ALA B 348 -44.93 -14.40 -9.10
N ALA B 349 -44.01 -13.77 -8.38
CA ALA B 349 -43.88 -12.32 -8.40
C ALA B 349 -43.64 -11.78 -9.81
N ILE B 350 -42.87 -12.50 -10.62
CA ILE B 350 -42.67 -12.09 -12.02
C ILE B 350 -43.90 -12.44 -12.86
N ASP B 351 -44.39 -13.67 -12.72
CA ASP B 351 -45.44 -14.21 -13.60
C ASP B 351 -46.80 -13.53 -13.44
N THR B 352 -47.10 -13.05 -12.23
CA THR B 352 -48.35 -12.35 -11.97
C THR B 352 -48.30 -10.89 -12.44
N GLY B 353 -47.10 -10.45 -12.82
CA GLY B 353 -46.85 -9.05 -13.17
C GLY B 353 -46.56 -8.16 -11.98
N ALA B 354 -46.58 -8.71 -10.77
CA ALA B 354 -46.30 -7.92 -9.56
C ALA B 354 -44.96 -7.19 -9.63
N ALA B 355 -43.93 -7.86 -10.12
CA ALA B 355 -42.58 -7.28 -10.21
C ALA B 355 -42.56 -6.12 -11.21
N GLU B 356 -43.15 -6.33 -12.38
CA GLU B 356 -43.24 -5.27 -13.41
C GLU B 356 -44.03 -4.10 -12.87
N GLN B 357 -45.16 -4.38 -12.23
CA GLN B 357 -45.98 -3.34 -11.60
C GLN B 357 -45.24 -2.59 -10.50
N LEU B 358 -44.48 -3.31 -9.68
CA LEU B 358 -43.73 -2.67 -8.59
C LEU B 358 -42.73 -1.64 -9.14
N LEU B 359 -42.03 -2.02 -10.19
CA LEU B 359 -41.11 -1.09 -10.84
C LEU B 359 -41.83 0.16 -11.34
N ALA B 360 -42.97 -0.02 -12.02
CA ALA B 360 -43.79 1.12 -12.49
C ALA B 360 -44.20 1.99 -11.31
N ARG B 361 -44.63 1.36 -10.22
CA ARG B 361 -45.01 2.09 -9.02
C ARG B 361 -43.82 2.81 -8.38
N TRP B 362 -42.65 2.18 -8.47
CA TRP B 362 -41.43 2.78 -7.93
C TRP B 362 -41.09 4.03 -8.73
N VAL B 363 -41.19 3.92 -10.05
CA VAL B 363 -40.98 5.06 -10.94
C VAL B 363 -41.95 6.19 -10.63
N ARG B 364 -43.24 5.87 -10.52
CA ARG B 364 -44.27 6.86 -10.19
C ARG B 364 -44.00 7.56 -8.86
N PHE B 365 -43.62 6.79 -7.85
CA PHE B 365 -43.31 7.33 -6.52
C PHE B 365 -42.28 8.46 -6.59
N GLY B 366 -41.18 8.20 -7.31
CA GLY B 366 -40.10 9.19 -7.43
C GLY B 366 -40.56 10.42 -8.18
N ARG B 367 -41.47 10.23 -9.13
CA ARG B 367 -42.03 11.32 -9.92
C ARG B 367 -43.05 12.15 -9.16
N GLN B 368 -43.62 11.58 -8.11
CA GLN B 368 -44.71 12.24 -7.39
C GLN B 368 -44.27 12.80 -6.03
N ILE B 369 -42.96 13.06 -5.92
CA ILE B 369 -42.33 13.70 -4.75
C ILE B 369 -42.27 12.75 -3.56
#